data_2QD4
#
_entry.id   2QD4
#
_cell.length_a   87.586
_cell.length_b   93.062
_cell.length_c   109.980
_cell.angle_alpha   90.00
_cell.angle_beta   90.00
_cell.angle_gamma   90.00
#
_symmetry.space_group_name_H-M   'P 21 21 21'
#
loop_
_entity.id
_entity.type
_entity.pdbx_description
1 polymer Ferrochelatase
2 non-polymer 'CHLORIDE ION'
3 non-polymer 'FE2/S2 (INORGANIC) CLUSTER'
4 non-polymer 'CHOLIC ACID'
5 non-polymer GLYCEROL
6 water water
#
_entity_poly.entity_id   1
_entity_poly.type   'polypeptide(L)'
_entity_poly.pdbx_seq_one_letter_code
;RKPKTGILMLNMGGPETLGDVHDFLLRLFLDRDLMTLPIQNKLAPFIAKRRTPKIQEQYRRIGGGSPIKIWTSKQGEGMV
KLLDELSPNTAPHKYYIGFRYVHPLTEEAIEEMERDGLERAIAFTQYPQYSCSTTGSSLNAIYRYYNQVGRKPTMKWSTI
DRWPTHHLLIQCFADHILKELDHFPLEKRSEVVILFSAHSLPMSVVNRGDPYPQEVSATVQKVMERLEYCNPYRLVWQSK
VGPMPWLGPQTDESIKGLCERGRKNILLVPIAFTSDHIETLYELDIEYSQVLAKECGVENIRRAESLNGNPLFSKALADL
VHSHIQSNELCSKQLTLSCPLCVNPVCRETKSFFTSQQL
;
_entity_poly.pdbx_strand_id   A,B
#
loop_
_chem_comp.id
_chem_comp.type
_chem_comp.name
_chem_comp.formula
CHD non-polymer 'CHOLIC ACID' 'C24 H40 O5'
CL non-polymer 'CHLORIDE ION' 'Cl -1'
FES non-polymer 'FE2/S2 (INORGANIC) CLUSTER' 'Fe2 S2'
GOL non-polymer GLYCEROL 'C3 H8 O3'
#
# COMPACT_ATOMS: atom_id res chain seq x y z
N ARG A 1 -45.03 -3.84 6.71
CA ARG A 1 -44.98 -3.97 5.22
C ARG A 1 -43.71 -4.69 4.76
N LYS A 2 -43.84 -5.41 3.65
CA LYS A 2 -42.73 -6.17 3.08
C LYS A 2 -41.50 -5.30 2.81
N PRO A 3 -40.30 -5.88 2.93
CA PRO A 3 -39.05 -5.14 2.69
C PRO A 3 -38.92 -4.72 1.23
N LYS A 4 -38.39 -3.53 1.01
CA LYS A 4 -38.20 -3.02 -0.34
C LYS A 4 -36.75 -3.13 -0.79
N THR A 5 -35.83 -2.78 0.11
CA THR A 5 -34.40 -2.82 -0.19
C THR A 5 -33.65 -3.81 0.68
N GLY A 6 -32.95 -4.74 0.04
CA GLY A 6 -32.19 -5.73 0.77
C GLY A 6 -30.69 -5.48 0.70
N ILE A 7 -30.04 -5.45 1.85
CA ILE A 7 -28.59 -5.23 1.89
C ILE A 7 -27.91 -6.55 2.20
N LEU A 8 -27.28 -7.14 1.19
CA LEU A 8 -26.59 -8.41 1.34
C LEU A 8 -25.19 -8.20 1.88
N MET A 9 -24.98 -8.57 3.14
CA MET A 9 -23.69 -8.43 3.81
C MET A 9 -22.84 -9.65 3.49
N LEU A 10 -21.82 -9.45 2.67
CA LEU A 10 -20.94 -10.54 2.26
C LEU A 10 -19.66 -10.66 3.06
N ASN A 11 -19.34 -11.89 3.46
CA ASN A 11 -18.14 -12.18 4.21
C ASN A 11 -17.85 -13.66 3.95
N MET A 12 -16.63 -14.09 4.22
N MET A 12 -16.63 -14.10 4.21
CA MET A 12 -16.28 -15.49 4.01
CA MET A 12 -16.29 -15.50 3.98
C MET A 12 -16.99 -16.34 5.04
C MET A 12 -16.94 -16.38 5.05
N GLY A 13 -17.09 -15.82 6.25
CA GLY A 13 -17.72 -16.55 7.34
C GLY A 13 -16.75 -17.45 8.06
N GLY A 14 -17.23 -18.07 9.14
CA GLY A 14 -16.42 -18.97 9.93
C GLY A 14 -17.36 -19.96 10.60
N PRO A 15 -16.92 -21.18 10.93
CA PRO A 15 -17.81 -22.14 11.58
C PRO A 15 -18.32 -21.64 12.93
N GLU A 16 -19.63 -21.68 13.13
CA GLU A 16 -20.22 -21.21 14.39
C GLU A 16 -19.92 -22.13 15.57
N THR A 17 -19.83 -23.43 15.30
CA THR A 17 -19.55 -24.41 16.33
C THR A 17 -18.51 -25.36 15.76
N LEU A 18 -17.91 -26.17 16.63
CA LEU A 18 -16.89 -27.11 16.19
C LEU A 18 -17.44 -28.09 15.15
N GLY A 19 -18.73 -28.40 15.25
CA GLY A 19 -19.33 -29.33 14.31
C GLY A 19 -19.40 -28.80 12.89
N ASP A 20 -19.37 -27.47 12.74
CA ASP A 20 -19.45 -26.85 11.41
C ASP A 20 -18.10 -26.75 10.69
N VAL A 21 -17.02 -27.07 11.39
CA VAL A 21 -15.68 -26.98 10.82
C VAL A 21 -15.48 -27.74 9.53
N HIS A 22 -15.78 -29.04 9.56
CA HIS A 22 -15.61 -29.88 8.37
C HIS A 22 -16.25 -29.36 7.09
N ASP A 23 -17.53 -29.00 7.14
CA ASP A 23 -18.20 -28.51 5.95
C ASP A 23 -17.63 -27.16 5.50
N PHE A 24 -17.15 -26.39 6.47
CA PHE A 24 -16.55 -25.08 6.19
C PHE A 24 -15.33 -25.33 5.30
N LEU A 25 -14.46 -26.23 5.74
CA LEU A 25 -13.26 -26.57 5.00
C LEU A 25 -13.60 -27.20 3.65
N LEU A 26 -14.61 -28.05 3.63
CA LEU A 26 -15.01 -28.70 2.39
C LEU A 26 -15.41 -27.70 1.30
N ARG A 27 -16.25 -26.74 1.66
CA ARG A 27 -16.68 -25.74 0.69
C ARG A 27 -15.48 -24.93 0.21
N LEU A 28 -14.54 -24.69 1.11
CA LEU A 28 -13.33 -23.96 0.78
C LEU A 28 -12.50 -24.69 -0.27
N PHE A 29 -12.18 -25.93 0.04
CA PHE A 29 -11.37 -26.76 -0.84
C PHE A 29 -12.03 -27.11 -2.18
N LEU A 30 -13.35 -26.92 -2.26
CA LEU A 30 -14.07 -27.20 -3.49
C LEU A 30 -14.17 -25.97 -4.38
N ASP A 31 -13.83 -24.82 -3.82
CA ASP A 31 -13.90 -23.57 -4.56
C ASP A 31 -12.77 -23.48 -5.59
N ARG A 32 -13.12 -23.71 -6.85
CA ARG A 32 -12.16 -23.67 -7.95
C ARG A 32 -11.48 -22.30 -8.10
N ASP A 33 -12.20 -21.22 -7.82
CA ASP A 33 -11.60 -19.89 -7.93
C ASP A 33 -10.41 -19.80 -6.99
N LEU A 34 -10.64 -20.20 -5.75
CA LEU A 34 -9.63 -20.17 -4.69
C LEU A 34 -8.51 -21.18 -4.89
N MET A 35 -8.86 -22.40 -5.27
CA MET A 35 -7.87 -23.47 -5.44
C MET A 35 -8.11 -24.35 -6.66
N THR A 36 -7.02 -24.87 -7.19
CA THR A 36 -7.05 -25.79 -8.32
C THR A 36 -6.32 -27.02 -7.81
N LEU A 37 -7.05 -28.10 -7.60
CA LEU A 37 -6.45 -29.33 -7.08
C LEU A 37 -6.75 -30.51 -7.99
N PRO A 38 -5.81 -31.47 -8.08
CA PRO A 38 -6.03 -32.64 -8.93
C PRO A 38 -7.18 -33.43 -8.32
N ILE A 39 -7.99 -34.07 -9.16
CA ILE A 39 -9.14 -34.84 -8.68
C ILE A 39 -9.76 -34.14 -7.47
N GLN A 40 -9.87 -32.81 -7.58
CA GLN A 40 -10.40 -31.97 -6.51
C GLN A 40 -11.66 -32.48 -5.81
N ASN A 41 -12.58 -33.07 -6.58
CA ASN A 41 -13.81 -33.58 -5.99
C ASN A 41 -13.59 -34.72 -5.01
N LYS A 42 -12.41 -35.31 -5.03
CA LYS A 42 -12.08 -36.41 -4.11
C LYS A 42 -11.07 -35.97 -3.06
N LEU A 43 -10.17 -35.08 -3.44
CA LEU A 43 -9.17 -34.58 -2.50
C LEU A 43 -9.79 -33.63 -1.49
N ALA A 44 -10.60 -32.68 -1.96
CA ALA A 44 -11.25 -31.71 -1.10
C ALA A 44 -11.94 -32.38 0.10
N PRO A 45 -12.84 -33.34 -0.14
CA PRO A 45 -13.50 -33.99 0.99
C PRO A 45 -12.46 -34.59 1.94
N PHE A 46 -11.39 -35.11 1.36
CA PHE A 46 -10.32 -35.72 2.13
C PHE A 46 -9.52 -34.73 2.95
N ILE A 47 -9.00 -33.69 2.29
CA ILE A 47 -8.21 -32.68 2.97
C ILE A 47 -9.05 -32.03 4.05
N ALA A 48 -10.35 -31.90 3.79
CA ALA A 48 -11.25 -31.31 4.76
C ALA A 48 -11.24 -32.17 6.02
N LYS A 49 -11.44 -33.47 5.84
CA LYS A 49 -11.47 -34.40 6.95
C LYS A 49 -10.16 -34.37 7.75
N ARG A 50 -9.05 -34.33 7.05
CA ARG A 50 -7.74 -34.32 7.70
C ARG A 50 -7.41 -33.03 8.45
N ARG A 51 -7.86 -31.90 7.93
CA ARG A 51 -7.58 -30.62 8.57
C ARG A 51 -8.59 -30.19 9.62
N THR A 52 -9.74 -30.86 9.66
CA THR A 52 -10.79 -30.51 10.61
C THR A 52 -10.34 -30.53 12.07
N PRO A 53 -9.67 -31.61 12.52
CA PRO A 53 -9.21 -31.69 13.91
C PRO A 53 -8.40 -30.48 14.35
N LYS A 54 -7.40 -30.13 13.56
CA LYS A 54 -6.53 -29.01 13.87
C LYS A 54 -7.28 -27.69 13.91
N ILE A 55 -8.20 -27.49 12.97
CA ILE A 55 -8.95 -26.26 12.95
C ILE A 55 -10.01 -26.23 14.05
N GLN A 56 -10.59 -27.38 14.37
CA GLN A 56 -11.57 -27.44 15.45
C GLN A 56 -10.87 -27.04 16.74
N GLU A 57 -9.64 -27.51 16.90
CA GLU A 57 -8.82 -27.22 18.07
C GLU A 57 -8.57 -25.71 18.19
N GLN A 58 -8.33 -25.06 17.05
CA GLN A 58 -8.11 -23.62 17.06
C GLN A 58 -9.35 -22.92 17.60
N TYR A 59 -10.52 -23.33 17.11
CA TYR A 59 -11.76 -22.71 17.56
C TYR A 59 -12.08 -23.03 19.00
N ARG A 60 -11.70 -24.23 19.45
CA ARG A 60 -11.96 -24.58 20.84
C ARG A 60 -11.18 -23.61 21.72
N ARG A 61 -9.96 -23.29 21.31
CA ARG A 61 -9.12 -22.37 22.07
C ARG A 61 -9.69 -20.97 22.21
N ILE A 62 -10.65 -20.60 21.35
CA ILE A 62 -11.25 -19.28 21.47
C ILE A 62 -12.72 -19.32 21.92
N GLY A 63 -13.15 -20.42 22.51
CA GLY A 63 -14.53 -20.49 22.97
C GLY A 63 -15.46 -21.48 22.27
N GLY A 64 -14.98 -22.12 21.21
CA GLY A 64 -15.82 -23.11 20.54
C GLY A 64 -16.42 -22.72 19.21
N GLY A 65 -16.00 -21.59 18.65
CA GLY A 65 -16.55 -21.19 17.37
C GLY A 65 -16.29 -19.74 17.00
N SER A 66 -16.74 -19.37 15.81
CA SER A 66 -16.56 -18.01 15.31
C SER A 66 -17.72 -17.11 15.71
N PRO A 67 -17.42 -15.86 16.11
CA PRO A 67 -18.46 -14.90 16.50
C PRO A 67 -18.87 -14.01 15.33
N ILE A 68 -18.33 -14.28 14.15
CA ILE A 68 -18.63 -13.48 12.97
C ILE A 68 -20.12 -13.26 12.71
N LYS A 69 -20.92 -14.32 12.81
CA LYS A 69 -22.34 -14.15 12.55
C LYS A 69 -23.01 -13.25 13.59
N ILE A 70 -22.62 -13.40 14.86
CA ILE A 70 -23.20 -12.58 15.91
C ILE A 70 -22.90 -11.10 15.66
N TRP A 71 -21.64 -10.78 15.40
CA TRP A 71 -21.25 -9.40 15.13
C TRP A 71 -21.86 -8.86 13.84
N THR A 72 -21.88 -9.68 12.80
CA THR A 72 -22.45 -9.27 11.52
C THR A 72 -23.92 -8.94 11.72
N SER A 73 -24.62 -9.81 12.45
CA SER A 73 -26.04 -9.62 12.73
C SER A 73 -26.30 -8.34 13.48
N LYS A 74 -25.50 -8.07 14.50
CA LYS A 74 -25.65 -6.87 15.31
C LYS A 74 -25.39 -5.63 14.46
N GLN A 75 -24.34 -5.67 13.65
CA GLN A 75 -24.00 -4.55 12.79
C GLN A 75 -25.12 -4.34 11.77
N GLY A 76 -25.62 -5.44 11.21
CA GLY A 76 -26.68 -5.39 10.23
C GLY A 76 -27.97 -4.77 10.75
N GLU A 77 -28.34 -5.13 11.98
CA GLU A 77 -29.55 -4.60 12.60
C GLU A 77 -29.41 -3.10 12.83
N GLY A 78 -28.28 -2.68 13.38
CA GLY A 78 -28.04 -1.27 13.62
C GLY A 78 -28.03 -0.49 12.33
N MET A 79 -27.47 -1.10 11.28
CA MET A 79 -27.40 -0.47 9.96
C MET A 79 -28.79 -0.19 9.43
N VAL A 80 -29.62 -1.23 9.43
CA VAL A 80 -31.00 -1.13 8.95
C VAL A 80 -31.80 -0.04 9.66
N LYS A 81 -31.74 -0.02 10.99
CA LYS A 81 -32.47 0.97 11.76
C LYS A 81 -32.14 2.36 11.25
N LEU A 82 -30.85 2.63 11.05
CA LEU A 82 -30.41 3.91 10.54
C LEU A 82 -30.90 4.14 9.11
N LEU A 83 -30.72 3.16 8.25
CA LEU A 83 -31.14 3.28 6.85
C LEU A 83 -32.62 3.67 6.71
N ASP A 84 -33.50 3.04 7.48
CA ASP A 84 -34.92 3.36 7.40
C ASP A 84 -35.20 4.83 7.70
N GLU A 85 -34.36 5.43 8.54
CA GLU A 85 -34.52 6.83 8.90
C GLU A 85 -33.80 7.72 7.89
N LEU A 86 -32.65 7.27 7.40
CA LEU A 86 -31.87 8.03 6.43
C LEU A 86 -32.50 8.10 5.05
N SER A 87 -33.01 6.96 4.57
CA SER A 87 -33.59 6.89 3.23
C SER A 87 -35.02 6.34 3.23
N PRO A 88 -35.99 7.12 3.70
CA PRO A 88 -37.39 6.68 3.76
C PRO A 88 -37.91 6.20 2.40
N ASN A 89 -37.51 6.89 1.34
CA ASN A 89 -37.95 6.54 0.00
C ASN A 89 -37.59 5.11 -0.41
N THR A 90 -36.52 4.57 0.16
CA THR A 90 -36.14 3.20 -0.17
C THR A 90 -36.80 2.25 0.82
N ALA A 91 -38.04 2.58 1.17
CA ALA A 91 -38.91 1.83 2.07
C ALA A 91 -38.21 1.01 3.15
N PRO A 92 -38.84 -0.07 3.65
CA PRO A 92 -38.12 -0.82 4.68
C PRO A 92 -36.87 -1.49 4.13
N HIS A 93 -35.77 -1.34 4.86
CA HIS A 93 -34.53 -1.98 4.45
C HIS A 93 -34.41 -3.25 5.27
N LYS A 94 -33.82 -4.28 4.69
CA LYS A 94 -33.63 -5.53 5.39
C LYS A 94 -32.23 -6.04 5.05
N TYR A 95 -31.50 -6.48 6.06
CA TYR A 95 -30.16 -6.99 5.83
C TYR A 95 -30.21 -8.51 5.72
N TYR A 96 -29.32 -9.06 4.92
CA TYR A 96 -29.22 -10.50 4.76
C TYR A 96 -27.74 -10.86 4.88
N ILE A 97 -27.46 -12.03 5.45
CA ILE A 97 -26.08 -12.44 5.59
C ILE A 97 -25.78 -13.46 4.51
N GLY A 98 -24.71 -13.20 3.76
CA GLY A 98 -24.31 -14.10 2.72
C GLY A 98 -22.88 -14.53 2.97
N PHE A 99 -22.71 -15.65 3.68
CA PHE A 99 -21.39 -16.16 3.98
C PHE A 99 -20.97 -16.99 2.78
N ARG A 100 -19.68 -16.96 2.47
CA ARG A 100 -19.18 -17.71 1.34
C ARG A 100 -19.05 -19.21 1.60
N TYR A 101 -18.59 -19.58 2.79
CA TYR A 101 -18.36 -21.00 3.09
C TYR A 101 -19.14 -21.64 4.25
N VAL A 102 -20.06 -20.90 4.86
CA VAL A 102 -20.87 -21.44 5.95
C VAL A 102 -22.28 -20.89 5.81
N HIS A 103 -23.23 -21.49 6.54
CA HIS A 103 -24.60 -21.04 6.50
C HIS A 103 -24.73 -19.76 7.33
N PRO A 104 -25.53 -18.80 6.86
CA PRO A 104 -26.29 -18.87 5.60
C PRO A 104 -25.37 -18.54 4.42
N LEU A 105 -25.39 -19.42 3.43
CA LEU A 105 -24.56 -19.25 2.25
C LEU A 105 -25.04 -18.10 1.37
N THR A 106 -24.15 -17.64 0.50
CA THR A 106 -24.50 -16.54 -0.41
C THR A 106 -25.74 -16.92 -1.19
N GLU A 107 -25.74 -18.14 -1.74
CA GLU A 107 -26.86 -18.64 -2.52
C GLU A 107 -28.16 -18.68 -1.72
N GLU A 108 -28.10 -19.18 -0.49
CA GLU A 108 -29.30 -19.24 0.34
C GLU A 108 -29.85 -17.85 0.57
N ALA A 109 -28.95 -16.88 0.75
CA ALA A 109 -29.37 -15.51 0.98
C ALA A 109 -30.07 -14.93 -0.25
N ILE A 110 -29.46 -15.12 -1.42
CA ILE A 110 -30.05 -14.60 -2.66
C ILE A 110 -31.45 -15.18 -2.86
N GLU A 111 -31.59 -16.46 -2.52
CA GLU A 111 -32.88 -17.12 -2.66
C GLU A 111 -33.91 -16.44 -1.78
N GLU A 112 -33.53 -16.11 -0.54
CA GLU A 112 -34.45 -15.48 0.39
C GLU A 112 -34.80 -14.06 -0.05
N MET A 113 -33.80 -13.33 -0.54
CA MET A 113 -34.02 -11.96 -1.00
C MET A 113 -35.02 -11.97 -2.15
N GLU A 114 -34.91 -12.95 -3.03
CA GLU A 114 -35.82 -13.04 -4.16
C GLU A 114 -37.22 -13.43 -3.66
N ARG A 115 -37.27 -14.34 -2.70
N ARG A 115 -37.26 -14.34 -2.70
CA ARG A 115 -38.56 -14.77 -2.15
CA ARG A 115 -38.53 -14.78 -2.12
C ARG A 115 -39.26 -13.58 -1.52
C ARG A 115 -39.25 -13.59 -1.51
N ASP A 116 -38.49 -12.73 -0.82
CA ASP A 116 -39.06 -11.55 -0.19
C ASP A 116 -39.54 -10.52 -1.20
N GLY A 117 -39.30 -10.79 -2.48
CA GLY A 117 -39.71 -9.87 -3.52
C GLY A 117 -39.23 -8.44 -3.32
N LEU A 118 -37.91 -8.27 -3.21
CA LEU A 118 -37.32 -6.95 -3.01
C LEU A 118 -37.23 -6.21 -4.34
N GLU A 119 -37.26 -4.89 -4.26
CA GLU A 119 -37.14 -4.07 -5.46
C GLU A 119 -35.67 -3.97 -5.86
N ARG A 120 -34.78 -3.87 -4.88
CA ARG A 120 -33.36 -3.81 -5.18
C ARG A 120 -32.50 -4.54 -4.16
N ALA A 121 -31.39 -5.08 -4.64
CA ALA A 121 -30.45 -5.82 -3.80
C ALA A 121 -29.08 -5.16 -3.90
N ILE A 122 -28.44 -4.96 -2.77
CA ILE A 122 -27.11 -4.35 -2.74
C ILE A 122 -26.09 -5.33 -2.18
N ALA A 123 -25.13 -5.74 -3.00
CA ALA A 123 -24.07 -6.65 -2.57
C ALA A 123 -23.07 -5.79 -1.80
N PHE A 124 -23.19 -5.78 -0.47
CA PHE A 124 -22.33 -4.98 0.39
C PHE A 124 -21.24 -5.83 1.02
N THR A 125 -20.07 -5.88 0.39
CA THR A 125 -18.97 -6.66 0.96
C THR A 125 -18.56 -6.10 2.32
N GLN A 126 -18.22 -6.98 3.25
CA GLN A 126 -17.82 -6.51 4.56
C GLN A 126 -16.31 -6.36 4.70
N TYR A 127 -15.61 -6.56 3.58
CA TYR A 127 -14.16 -6.37 3.53
C TYR A 127 -13.97 -4.98 2.95
N PRO A 128 -13.43 -4.04 3.75
CA PRO A 128 -13.23 -2.67 3.26
C PRO A 128 -12.28 -2.60 2.07
N GLN A 129 -11.28 -3.50 2.05
CA GLN A 129 -10.30 -3.53 0.98
C GLN A 129 -10.55 -4.73 0.08
N TYR A 130 -10.63 -4.45 -1.22
CA TYR A 130 -10.92 -5.48 -2.20
C TYR A 130 -9.80 -6.45 -2.54
N SER A 131 -10.14 -7.73 -2.49
CA SER A 131 -9.24 -8.78 -2.90
C SER A 131 -10.08 -9.69 -3.78
N CYS A 132 -9.51 -10.22 -4.85
CA CYS A 132 -10.30 -11.10 -5.71
C CYS A 132 -10.60 -12.38 -4.93
N SER A 133 -9.78 -12.67 -3.93
N SER A 133 -9.79 -12.66 -3.93
CA SER A 133 -9.95 -13.87 -3.12
CA SER A 133 -9.94 -13.86 -3.11
C SER A 133 -11.04 -13.73 -2.07
C SER A 133 -11.04 -13.73 -2.07
N THR A 134 -11.46 -12.51 -1.77
CA THR A 134 -12.52 -12.30 -0.79
C THR A 134 -13.76 -11.72 -1.44
N THR A 135 -13.82 -10.39 -1.56
CA THR A 135 -14.96 -9.72 -2.17
C THR A 135 -15.22 -10.24 -3.59
N GLY A 136 -14.15 -10.44 -4.35
CA GLY A 136 -14.30 -10.96 -5.71
C GLY A 136 -15.00 -12.30 -5.73
N SER A 137 -14.62 -13.16 -4.78
CA SER A 137 -15.21 -14.49 -4.65
C SER A 137 -16.71 -14.40 -4.35
N SER A 138 -17.06 -13.50 -3.44
CA SER A 138 -18.46 -13.29 -3.06
C SER A 138 -19.29 -12.77 -4.22
N LEU A 139 -18.71 -11.88 -5.02
CA LEU A 139 -19.44 -11.33 -6.16
C LEU A 139 -19.59 -12.39 -7.25
N ASN A 140 -18.57 -13.22 -7.44
CA ASN A 140 -18.64 -14.29 -8.43
C ASN A 140 -19.77 -15.25 -8.06
N ALA A 141 -19.96 -15.45 -6.76
CA ALA A 141 -21.00 -16.34 -6.27
C ALA A 141 -22.39 -15.83 -6.65
N ILE A 142 -22.58 -14.52 -6.62
CA ILE A 142 -23.87 -13.94 -6.98
C ILE A 142 -24.11 -14.16 -8.47
N TYR A 143 -23.12 -13.84 -9.29
CA TYR A 143 -23.24 -14.03 -10.73
C TYR A 143 -23.49 -15.50 -11.05
N ARG A 144 -22.65 -16.37 -10.49
CA ARG A 144 -22.78 -17.80 -10.72
C ARG A 144 -24.15 -18.35 -10.29
N TYR A 145 -24.69 -17.80 -9.19
CA TYR A 145 -25.98 -18.27 -8.71
C TYR A 145 -27.01 -18.20 -9.83
N TYR A 146 -27.24 -16.99 -10.33
CA TYR A 146 -28.22 -16.76 -11.38
C TYR A 146 -27.91 -17.52 -12.66
N ASN A 147 -26.62 -17.64 -12.97
CA ASN A 147 -26.21 -18.34 -14.16
C ASN A 147 -26.50 -19.83 -14.03
N GLN A 148 -26.28 -20.37 -12.84
N GLN A 148 -26.28 -20.38 -12.84
CA GLN A 148 -26.51 -21.78 -12.55
CA GLN A 148 -26.54 -21.80 -12.62
C GLN A 148 -28.00 -22.10 -12.43
C GLN A 148 -28.04 -22.08 -12.50
N VAL A 149 -28.75 -21.21 -11.78
CA VAL A 149 -30.18 -21.40 -11.60
C VAL A 149 -30.92 -21.15 -12.92
N GLY A 150 -30.17 -20.78 -13.95
CA GLY A 150 -30.76 -20.53 -15.25
C GLY A 150 -31.88 -19.51 -15.28
N ARG A 151 -31.90 -18.59 -14.31
CA ARG A 151 -32.93 -17.55 -14.26
C ARG A 151 -32.25 -16.19 -14.11
N LYS A 152 -32.94 -15.13 -14.51
CA LYS A 152 -32.36 -13.80 -14.36
C LYS A 152 -32.89 -13.24 -13.05
N PRO A 153 -32.18 -12.25 -12.46
CA PRO A 153 -32.62 -11.65 -11.20
C PRO A 153 -33.97 -10.96 -11.28
N THR A 154 -34.74 -11.01 -10.19
CA THR A 154 -36.04 -10.35 -10.16
C THR A 154 -35.90 -9.04 -9.40
N MET A 155 -34.68 -8.73 -8.99
CA MET A 155 -34.39 -7.51 -8.24
C MET A 155 -33.28 -6.74 -8.95
N LYS A 156 -33.23 -5.43 -8.74
CA LYS A 156 -32.18 -4.61 -9.33
C LYS A 156 -30.94 -4.75 -8.45
N TRP A 157 -29.84 -5.23 -9.03
CA TRP A 157 -28.60 -5.41 -8.28
C TRP A 157 -27.60 -4.28 -8.46
N SER A 158 -26.72 -4.15 -7.47
CA SER A 158 -25.64 -3.16 -7.46
C SER A 158 -24.71 -3.60 -6.34
N THR A 159 -23.49 -3.09 -6.33
CA THR A 159 -22.58 -3.49 -5.28
C THR A 159 -21.70 -2.39 -4.73
N ILE A 160 -21.41 -2.50 -3.43
CA ILE A 160 -20.50 -1.60 -2.73
C ILE A 160 -19.38 -2.63 -2.58
N ASP A 161 -18.51 -2.68 -3.58
CA ASP A 161 -17.42 -3.65 -3.62
C ASP A 161 -16.16 -3.33 -2.83
N ARG A 162 -16.03 -2.10 -2.37
CA ARG A 162 -14.88 -1.71 -1.57
C ARG A 162 -15.12 -0.36 -0.92
N TRP A 163 -14.45 -0.11 0.19
CA TRP A 163 -14.57 1.14 0.94
C TRP A 163 -13.41 1.25 1.92
N PRO A 164 -12.18 1.18 1.39
CA PRO A 164 -10.96 1.26 2.20
C PRO A 164 -10.70 2.52 2.99
N THR A 165 -11.22 3.66 2.52
CA THR A 165 -10.99 4.91 3.20
C THR A 165 -12.23 5.63 3.72
N HIS A 166 -13.35 4.91 3.86
CA HIS A 166 -14.56 5.56 4.35
C HIS A 166 -14.24 6.30 5.65
N HIS A 167 -14.54 7.59 5.67
CA HIS A 167 -14.24 8.43 6.82
C HIS A 167 -14.69 7.92 8.18
N LEU A 168 -15.86 7.29 8.25
CA LEU A 168 -16.32 6.75 9.54
C LEU A 168 -15.59 5.46 9.91
N LEU A 169 -15.22 4.67 8.91
CA LEU A 169 -14.47 3.44 9.18
C LEU A 169 -13.12 3.87 9.79
N ILE A 170 -12.49 4.87 9.17
CA ILE A 170 -11.21 5.38 9.65
C ILE A 170 -11.32 5.89 11.10
N GLN A 171 -12.39 6.61 11.40
CA GLN A 171 -12.60 7.13 12.75
C GLN A 171 -12.73 6.01 13.78
N CYS A 172 -13.46 4.96 13.43
CA CYS A 172 -13.63 3.83 14.32
C CYS A 172 -12.27 3.22 14.65
N PHE A 173 -11.47 2.98 13.61
CA PHE A 173 -10.14 2.42 13.81
C PHE A 173 -9.32 3.34 14.72
N ALA A 174 -9.31 4.62 14.40
CA ALA A 174 -8.56 5.60 15.18
C ALA A 174 -9.00 5.64 16.64
N ASP A 175 -10.31 5.61 16.86
CA ASP A 175 -10.87 5.63 18.22
C ASP A 175 -10.42 4.40 19.00
N HIS A 176 -10.50 3.23 18.37
CA HIS A 176 -10.11 2.01 19.06
C HIS A 176 -8.62 1.95 19.32
N ILE A 177 -7.83 2.57 18.46
CA ILE A 177 -6.39 2.60 18.63
C ILE A 177 -6.08 3.49 19.83
N LEU A 178 -6.70 4.67 19.86
CA LEU A 178 -6.49 5.60 20.95
C LEU A 178 -6.87 5.02 22.30
N LYS A 179 -8.06 4.44 22.39
CA LYS A 179 -8.47 3.88 23.68
C LYS A 179 -7.54 2.74 24.11
N GLU A 180 -6.98 2.00 23.15
CA GLU A 180 -6.07 0.92 23.53
C GLU A 180 -4.74 1.52 24.00
N LEU A 181 -4.31 2.61 23.36
CA LEU A 181 -3.06 3.26 23.77
C LEU A 181 -3.18 3.69 25.22
N ASP A 182 -4.39 4.01 25.66
CA ASP A 182 -4.61 4.44 27.05
C ASP A 182 -4.43 3.28 28.01
N HIS A 183 -4.52 2.06 27.51
CA HIS A 183 -4.37 0.88 28.35
C HIS A 183 -2.92 0.47 28.60
N PHE A 184 -1.99 1.12 27.91
CA PHE A 184 -0.58 0.83 28.09
C PHE A 184 -0.09 1.64 29.29
N PRO A 185 1.00 1.20 29.94
CA PRO A 185 1.48 1.98 31.07
C PRO A 185 1.79 3.37 30.50
N LEU A 186 1.39 4.40 31.21
CA LEU A 186 1.60 5.77 30.75
C LEU A 186 3.05 6.11 30.38
N GLU A 187 4.01 5.53 31.11
CA GLU A 187 5.43 5.79 30.86
C GLU A 187 5.95 5.16 29.56
N LYS A 188 5.12 4.33 28.92
CA LYS A 188 5.56 3.69 27.69
C LYS A 188 4.66 3.99 26.48
N ARG A 189 3.66 4.83 26.70
CA ARG A 189 2.72 5.17 25.63
C ARG A 189 3.39 5.68 24.36
N SER A 190 4.32 6.61 24.51
N SER A 190 4.32 6.61 24.51
CA SER A 190 5.03 7.18 23.37
CA SER A 190 5.02 7.18 23.36
C SER A 190 6.01 6.20 22.74
C SER A 190 6.00 6.19 22.74
N GLU A 191 6.40 5.18 23.50
CA GLU A 191 7.34 4.17 23.02
C GLU A 191 6.62 3.09 22.20
N VAL A 192 5.31 2.99 22.39
CA VAL A 192 4.50 2.01 21.70
C VAL A 192 4.65 2.04 20.17
N VAL A 193 4.85 0.86 19.60
CA VAL A 193 4.98 0.70 18.15
C VAL A 193 3.70 0.06 17.64
N ILE A 194 3.12 0.62 16.59
CA ILE A 194 1.88 0.10 16.02
C ILE A 194 2.12 -0.82 14.84
N LEU A 195 1.64 -2.05 14.96
CA LEU A 195 1.77 -3.00 13.86
C LEU A 195 0.38 -3.22 13.28
N PHE A 196 0.11 -2.64 12.12
CA PHE A 196 -1.18 -2.87 11.48
C PHE A 196 -1.02 -4.26 10.87
N SER A 197 -1.98 -5.14 11.11
CA SER A 197 -1.90 -6.50 10.59
C SER A 197 -3.12 -6.85 9.75
N ALA A 198 -2.86 -7.39 8.57
CA ALA A 198 -3.93 -7.77 7.65
C ALA A 198 -3.63 -9.18 7.17
N HIS A 199 -4.66 -9.92 6.81
CA HIS A 199 -4.47 -11.27 6.31
C HIS A 199 -3.60 -11.14 5.06
N SER A 200 -2.58 -11.98 4.96
CA SER A 200 -1.67 -11.94 3.82
C SER A 200 -2.26 -12.61 2.58
N LEU A 201 -1.53 -12.52 1.47
CA LEU A 201 -1.93 -13.14 0.22
C LEU A 201 -0.70 -13.81 -0.39
N PRO A 202 -0.90 -14.93 -1.09
CA PRO A 202 0.25 -15.61 -1.71
C PRO A 202 0.81 -14.61 -2.72
N MET A 203 2.12 -14.57 -2.90
CA MET A 203 2.67 -13.64 -3.87
C MET A 203 2.11 -13.88 -5.27
N SER A 204 1.75 -15.12 -5.57
CA SER A 204 1.20 -15.44 -6.88
C SER A 204 -0.07 -14.65 -7.13
N VAL A 205 -0.81 -14.37 -6.05
CA VAL A 205 -2.05 -13.59 -6.16
C VAL A 205 -1.71 -12.11 -6.27
N VAL A 206 -0.80 -11.65 -5.41
CA VAL A 206 -0.39 -10.25 -5.44
C VAL A 206 0.19 -9.92 -6.82
N ASN A 207 1.09 -10.77 -7.31
CA ASN A 207 1.73 -10.56 -8.60
C ASN A 207 0.83 -10.59 -9.82
N ARG A 208 -0.40 -11.03 -9.67
CA ARG A 208 -1.30 -11.05 -10.81
C ARG A 208 -2.03 -9.70 -10.90
N GLY A 209 -1.97 -8.93 -9.83
CA GLY A 209 -2.62 -7.62 -9.82
C GLY A 209 -3.68 -7.37 -8.77
N ASP A 210 -3.76 -8.26 -7.77
CA ASP A 210 -4.76 -8.10 -6.71
C ASP A 210 -4.69 -6.70 -6.09
N PRO A 211 -5.83 -5.98 -6.03
CA PRO A 211 -5.96 -4.61 -5.49
C PRO A 211 -5.79 -4.48 -3.98
N TYR A 212 -5.89 -5.60 -3.27
CA TYR A 212 -5.81 -5.64 -1.82
C TYR A 212 -4.67 -4.92 -1.09
N PRO A 213 -3.41 -5.31 -1.36
CA PRO A 213 -2.28 -4.66 -0.69
C PRO A 213 -2.32 -3.14 -0.71
N GLN A 214 -2.54 -2.59 -1.90
CA GLN A 214 -2.58 -1.14 -2.08
C GLN A 214 -3.74 -0.50 -1.30
N GLU A 215 -4.92 -1.14 -1.29
CA GLU A 215 -6.04 -0.56 -0.55
C GLU A 215 -5.84 -0.65 0.96
N VAL A 216 -5.30 -1.77 1.42
CA VAL A 216 -5.05 -1.94 2.84
C VAL A 216 -4.08 -0.84 3.27
N SER A 217 -3.08 -0.61 2.43
CA SER A 217 -2.09 0.42 2.70
C SER A 217 -2.75 1.78 2.80
N ALA A 218 -3.75 2.00 1.94
CA ALA A 218 -4.48 3.26 1.93
C ALA A 218 -5.21 3.45 3.26
N THR A 219 -5.84 2.39 3.75
CA THR A 219 -6.57 2.45 5.02
C THR A 219 -5.60 2.83 6.14
N VAL A 220 -4.45 2.18 6.17
CA VAL A 220 -3.43 2.46 7.19
C VAL A 220 -3.02 3.94 7.18
N GLN A 221 -2.70 4.47 6.00
CA GLN A 221 -2.30 5.87 5.92
C GLN A 221 -3.38 6.80 6.46
N LYS A 222 -4.64 6.54 6.09
CA LYS A 222 -5.77 7.35 6.55
C LYS A 222 -5.89 7.34 8.07
N VAL A 223 -5.77 6.17 8.66
CA VAL A 223 -5.85 6.03 10.11
C VAL A 223 -4.71 6.80 10.79
N MET A 224 -3.49 6.66 10.28
CA MET A 224 -2.35 7.34 10.88
C MET A 224 -2.44 8.87 10.73
N GLU A 225 -3.01 9.34 9.62
CA GLU A 225 -3.16 10.78 9.42
C GLU A 225 -4.13 11.30 10.48
N ARG A 226 -5.19 10.55 10.74
CA ARG A 226 -6.17 10.96 11.73
C ARG A 226 -5.55 10.91 13.13
N LEU A 227 -4.60 10.00 13.33
CA LEU A 227 -3.93 9.87 14.62
C LEU A 227 -2.77 10.86 14.71
N GLU A 228 -2.56 11.61 13.63
CA GLU A 228 -1.48 12.59 13.55
C GLU A 228 -0.12 11.97 13.83
N TYR A 229 0.11 10.78 13.28
CA TYR A 229 1.37 10.08 13.43
C TYR A 229 1.87 10.15 14.88
N CYS A 230 0.98 9.87 15.83
CA CYS A 230 1.36 9.92 17.24
C CYS A 230 2.39 8.86 17.60
N ASN A 231 2.33 7.71 16.92
CA ASN A 231 3.26 6.63 17.16
C ASN A 231 3.76 6.07 15.83
N PRO A 232 4.95 5.47 15.81
CA PRO A 232 5.49 4.90 14.57
C PRO A 232 4.74 3.61 14.25
N TYR A 233 4.76 3.19 12.99
CA TYR A 233 4.03 1.98 12.62
C TYR A 233 4.66 1.25 11.44
N ARG A 234 4.09 0.10 11.16
CA ARG A 234 4.48 -0.75 10.04
C ARG A 234 3.23 -1.57 9.71
N LEU A 235 3.03 -1.83 8.42
CA LEU A 235 1.92 -2.66 7.98
C LEU A 235 2.52 -4.05 7.73
N VAL A 236 2.05 -5.04 8.47
CA VAL A 236 2.54 -6.40 8.33
C VAL A 236 1.38 -7.34 8.01
N TRP A 237 1.71 -8.57 7.62
CA TRP A 237 0.70 -9.52 7.20
C TRP A 237 0.73 -10.86 7.94
N GLN A 238 -0.46 -11.32 8.31
CA GLN A 238 -0.60 -12.56 9.06
C GLN A 238 -1.33 -13.64 8.29
N SER A 239 -1.46 -14.81 8.93
CA SER A 239 -2.19 -15.95 8.39
C SER A 239 -1.60 -16.73 7.22
N LYS A 240 -0.34 -16.49 6.88
CA LYS A 240 0.27 -17.24 5.80
C LYS A 240 0.24 -18.72 6.19
N VAL A 241 0.04 -19.59 5.21
CA VAL A 241 0.05 -21.03 5.45
C VAL A 241 0.71 -21.66 4.23
N GLY A 242 1.37 -22.80 4.42
CA GLY A 242 2.01 -23.47 3.32
C GLY A 242 3.47 -23.09 3.14
N PRO A 243 4.14 -23.69 2.14
CA PRO A 243 5.55 -23.44 1.84
C PRO A 243 5.80 -22.35 0.79
N MET A 244 4.76 -21.95 0.08
CA MET A 244 4.88 -20.93 -0.96
C MET A 244 5.15 -19.54 -0.42
N PRO A 245 5.63 -18.63 -1.27
CA PRO A 245 5.92 -17.25 -0.85
C PRO A 245 4.65 -16.42 -0.73
N TRP A 246 4.53 -15.69 0.37
CA TRP A 246 3.38 -14.82 0.63
C TRP A 246 3.93 -13.41 0.87
N LEU A 247 3.04 -12.42 0.84
CA LEU A 247 3.44 -11.04 1.07
C LEU A 247 3.83 -10.86 2.53
N GLY A 248 5.02 -10.32 2.75
CA GLY A 248 5.48 -10.08 4.10
C GLY A 248 5.66 -8.59 4.29
N PRO A 249 6.18 -8.14 5.46
CA PRO A 249 6.62 -8.90 6.63
C PRO A 249 5.50 -9.72 7.28
N GLN A 250 5.86 -10.86 7.86
CA GLN A 250 4.87 -11.67 8.55
C GLN A 250 4.67 -11.00 9.89
N THR A 251 3.44 -11.01 10.39
CA THR A 251 3.14 -10.38 11.67
C THR A 251 3.90 -11.04 12.83
N ASP A 252 3.99 -12.37 12.82
CA ASP A 252 4.70 -13.03 13.90
C ASP A 252 6.19 -12.72 13.90
N GLU A 253 6.85 -12.86 12.75
CA GLU A 253 8.28 -12.55 12.67
C GLU A 253 8.54 -11.09 13.02
N SER A 254 7.61 -10.20 12.65
CA SER A 254 7.78 -8.78 12.95
C SER A 254 7.71 -8.53 14.45
N ILE A 255 6.79 -9.21 15.13
CA ILE A 255 6.64 -9.07 16.57
C ILE A 255 7.95 -9.52 17.22
N LYS A 256 8.44 -10.68 16.80
CA LYS A 256 9.68 -11.21 17.34
C LYS A 256 10.86 -10.29 17.00
N GLY A 257 10.91 -9.86 15.74
CA GLY A 257 11.98 -8.98 15.32
C GLY A 257 12.05 -7.70 16.13
N LEU A 258 10.90 -7.07 16.35
CA LEU A 258 10.83 -5.83 17.12
C LEU A 258 11.31 -6.04 18.55
N CYS A 259 10.85 -7.10 19.19
N CYS A 259 10.85 -7.10 19.19
CA CYS A 259 11.24 -7.38 20.57
CA CYS A 259 11.24 -7.40 20.56
C CYS A 259 12.74 -7.54 20.69
C CYS A 259 12.74 -7.52 20.68
N GLU A 260 13.33 -8.36 19.82
CA GLU A 260 14.77 -8.59 19.85
C GLU A 260 15.56 -7.30 19.60
N ARG A 261 14.90 -6.29 19.06
CA ARG A 261 15.57 -5.02 18.78
C ARG A 261 15.23 -3.92 19.79
N GLY A 262 14.64 -4.31 20.91
CA GLY A 262 14.33 -3.33 21.95
C GLY A 262 12.96 -2.67 21.92
N ARG A 263 12.14 -2.96 20.92
CA ARG A 263 10.81 -2.35 20.89
C ARG A 263 9.89 -3.39 21.51
N LYS A 264 9.75 -3.32 22.82
CA LYS A 264 8.95 -4.27 23.59
C LYS A 264 7.55 -3.83 23.97
N ASN A 265 7.07 -2.76 23.36
CA ASN A 265 5.72 -2.27 23.63
C ASN A 265 5.03 -2.14 22.28
N ILE A 266 4.19 -3.13 21.98
CA ILE A 266 3.51 -3.24 20.69
C ILE A 266 1.98 -3.20 20.73
N LEU A 267 1.39 -2.48 19.78
CA LEU A 267 -0.05 -2.40 19.66
C LEU A 267 -0.45 -3.02 18.32
N LEU A 268 -1.08 -4.19 18.36
CA LEU A 268 -1.50 -4.86 17.14
C LEU A 268 -2.84 -4.26 16.69
N VAL A 269 -2.95 -3.96 15.41
CA VAL A 269 -4.19 -3.39 14.90
C VAL A 269 -4.73 -4.12 13.68
N PRO A 270 -5.74 -4.98 13.87
CA PRO A 270 -6.33 -5.71 12.74
C PRO A 270 -6.93 -4.60 11.87
N ILE A 271 -6.43 -4.46 10.66
CA ILE A 271 -6.87 -3.37 9.79
C ILE A 271 -7.69 -3.79 8.57
N ALA A 272 -7.84 -5.08 8.35
CA ALA A 272 -8.57 -5.53 7.16
C ALA A 272 -9.84 -6.33 7.44
N PHE A 273 -10.32 -6.28 8.68
CA PHE A 273 -11.55 -6.98 9.02
C PHE A 273 -12.24 -6.13 10.06
N THR A 274 -13.56 -6.24 10.17
CA THR A 274 -14.31 -5.40 11.09
C THR A 274 -14.88 -6.03 12.36
N SER A 275 -14.67 -7.33 12.53
N SER A 275 -14.66 -7.33 12.55
CA SER A 275 -15.17 -8.03 13.71
CA SER A 275 -15.15 -7.99 13.75
C SER A 275 -14.14 -9.06 14.16
C SER A 275 -14.13 -9.03 14.18
N ASP A 276 -14.32 -9.58 15.38
CA ASP A 276 -13.41 -10.59 15.88
C ASP A 276 -13.69 -11.86 15.10
N HIS A 277 -12.66 -12.68 14.97
CA HIS A 277 -12.75 -13.96 14.29
C HIS A 277 -11.45 -14.69 14.60
N ILE A 278 -11.25 -15.84 13.97
CA ILE A 278 -10.04 -16.64 14.24
C ILE A 278 -8.74 -15.84 14.17
N GLU A 279 -8.66 -14.91 13.23
CA GLU A 279 -7.45 -14.10 13.04
C GLU A 279 -7.06 -13.29 14.28
N THR A 280 -8.05 -12.73 14.97
CA THR A 280 -7.77 -11.91 16.15
C THR A 280 -7.77 -12.70 17.46
N LEU A 281 -8.84 -13.42 17.73
CA LEU A 281 -8.96 -14.19 18.97
C LEU A 281 -7.98 -15.36 19.12
N TYR A 282 -7.58 -15.98 18.01
CA TYR A 282 -6.64 -17.09 18.10
C TYR A 282 -5.23 -16.73 17.64
N GLU A 283 -5.07 -16.41 16.37
CA GLU A 283 -3.76 -16.08 15.85
C GLU A 283 -3.06 -14.92 16.57
N LEU A 284 -3.68 -13.75 16.60
CA LEU A 284 -3.05 -12.61 17.27
C LEU A 284 -3.04 -12.71 18.80
N ASP A 285 -4.19 -12.94 19.42
CA ASP A 285 -4.27 -13.02 20.88
C ASP A 285 -3.58 -14.21 21.52
N ILE A 286 -3.74 -15.40 20.94
CA ILE A 286 -3.15 -16.59 21.52
C ILE A 286 -1.75 -16.96 21.04
N GLU A 287 -1.62 -17.41 19.80
CA GLU A 287 -0.30 -17.81 19.33
C GLU A 287 0.77 -16.71 19.29
N TYR A 288 0.41 -15.50 18.86
CA TYR A 288 1.41 -14.42 18.81
C TYR A 288 1.59 -13.64 20.12
N SER A 289 0.48 -13.19 20.71
CA SER A 289 0.55 -12.38 21.93
C SER A 289 0.83 -13.13 23.23
N GLN A 290 0.33 -14.35 23.36
CA GLN A 290 0.55 -15.12 24.59
C GLN A 290 1.75 -16.05 24.53
N VAL A 291 1.95 -16.71 23.39
CA VAL A 291 3.09 -17.62 23.27
C VAL A 291 4.33 -16.94 22.74
N LEU A 292 4.32 -16.57 21.47
CA LEU A 292 5.45 -15.91 20.83
C LEU A 292 5.96 -14.73 21.66
N ALA A 293 5.09 -13.75 21.88
CA ALA A 293 5.45 -12.55 22.63
C ALA A 293 6.03 -12.89 24.00
N LYS A 294 5.55 -13.99 24.58
CA LYS A 294 6.01 -14.42 25.88
C LYS A 294 7.46 -14.90 25.82
N GLU A 295 7.73 -15.80 24.87
CA GLU A 295 9.05 -16.37 24.71
C GLU A 295 10.11 -15.40 24.15
N CYS A 296 9.66 -14.25 23.65
N CYS A 296 9.67 -14.24 23.65
CA CYS A 296 10.58 -13.26 23.11
CA CYS A 296 10.61 -13.27 23.12
C CYS A 296 10.88 -12.15 24.11
C CYS A 296 10.89 -12.16 24.12
N GLY A 297 10.10 -12.11 25.19
CA GLY A 297 10.30 -11.09 26.21
C GLY A 297 9.71 -9.72 26.03
N VAL A 298 8.46 -9.63 25.58
CA VAL A 298 7.82 -8.33 25.41
C VAL A 298 7.48 -7.75 26.77
N GLU A 299 7.27 -6.44 26.83
CA GLU A 299 6.91 -5.79 28.08
C GLU A 299 5.39 -5.59 28.05
N ASN A 300 4.89 -5.10 26.93
CA ASN A 300 3.46 -4.87 26.77
C ASN A 300 3.04 -5.02 25.31
N ILE A 301 2.12 -5.94 25.05
CA ILE A 301 1.60 -6.12 23.71
C ILE A 301 0.09 -6.20 23.82
N ARG A 302 -0.60 -5.32 23.12
CA ARG A 302 -2.04 -5.29 23.17
C ARG A 302 -2.62 -5.26 21.76
N ARG A 303 -3.90 -5.57 21.64
CA ARG A 303 -4.57 -5.56 20.36
C ARG A 303 -5.75 -4.62 20.45
N ALA A 304 -5.86 -3.71 19.50
CA ALA A 304 -6.97 -2.77 19.50
C ALA A 304 -8.24 -3.61 19.37
N GLU A 305 -9.31 -3.16 20.03
CA GLU A 305 -10.58 -3.86 19.97
C GLU A 305 -11.12 -3.86 18.55
N SER A 306 -11.68 -4.99 18.11
CA SER A 306 -12.26 -5.07 16.77
C SER A 306 -13.49 -4.16 16.80
N LEU A 307 -13.91 -3.68 15.63
CA LEU A 307 -15.04 -2.76 15.56
C LEU A 307 -16.32 -3.35 16.18
N ASN A 308 -16.56 -4.62 15.91
CA ASN A 308 -17.73 -5.33 16.45
C ASN A 308 -19.01 -4.52 16.60
N GLY A 309 -19.42 -4.28 17.85
CA GLY A 309 -20.66 -3.55 18.10
C GLY A 309 -20.59 -2.04 18.26
N ASN A 310 -19.47 -1.44 17.91
CA ASN A 310 -19.35 0.01 18.03
C ASN A 310 -20.46 0.67 17.19
N PRO A 311 -21.30 1.51 17.84
CA PRO A 311 -22.40 2.20 17.18
C PRO A 311 -21.95 3.07 16.02
N LEU A 312 -20.74 3.60 16.12
CA LEU A 312 -20.19 4.43 15.05
C LEU A 312 -19.93 3.58 13.81
N PHE A 313 -19.68 2.29 13.99
CA PHE A 313 -19.43 1.43 12.83
C PHE A 313 -20.75 1.16 12.09
N SER A 314 -21.84 0.96 12.83
CA SER A 314 -23.14 0.73 12.23
C SER A 314 -23.49 1.96 11.40
N LYS A 315 -23.08 3.12 11.92
CA LYS A 315 -23.34 4.39 11.25
C LYS A 315 -22.56 4.43 9.94
N ALA A 316 -21.34 3.91 9.96
CA ALA A 316 -20.50 3.88 8.77
C ALA A 316 -21.18 3.04 7.70
N LEU A 317 -21.63 1.85 8.09
CA LEU A 317 -22.30 0.94 7.17
C LEU A 317 -23.52 1.61 6.54
N ALA A 318 -24.37 2.21 7.38
CA ALA A 318 -25.57 2.88 6.89
C ALA A 318 -25.20 4.04 5.97
N ASP A 319 -24.14 4.77 6.33
CA ASP A 319 -23.71 5.89 5.51
C ASP A 319 -23.27 5.41 4.14
N LEU A 320 -22.51 4.30 4.12
CA LEU A 320 -22.03 3.74 2.86
C LEU A 320 -23.21 3.35 1.95
N VAL A 321 -24.16 2.60 2.51
CA VAL A 321 -25.32 2.17 1.74
C VAL A 321 -26.14 3.38 1.26
N HIS A 322 -26.37 4.33 2.16
CA HIS A 322 -27.13 5.52 1.81
C HIS A 322 -26.47 6.30 0.68
N SER A 323 -25.17 6.54 0.80
CA SER A 323 -24.44 7.28 -0.24
C SER A 323 -24.47 6.49 -1.55
N HIS A 324 -24.39 5.17 -1.44
CA HIS A 324 -24.43 4.28 -2.61
C HIS A 324 -25.75 4.44 -3.33
N ILE A 325 -26.84 4.45 -2.55
CA ILE A 325 -28.17 4.61 -3.12
C ILE A 325 -28.34 5.95 -3.81
N GLN A 326 -27.90 7.02 -3.15
CA GLN A 326 -28.01 8.37 -3.69
C GLN A 326 -27.19 8.61 -4.96
N SER A 327 -26.03 7.96 -5.06
CA SER A 327 -25.15 8.12 -6.20
C SER A 327 -25.57 7.31 -7.43
N ASN A 328 -26.47 6.36 -7.23
CA ASN A 328 -26.93 5.50 -8.32
C ASN A 328 -25.83 4.62 -8.92
N GLU A 329 -24.70 4.52 -8.24
CA GLU A 329 -23.61 3.70 -8.71
C GLU A 329 -23.96 2.22 -8.68
N LEU A 330 -23.48 1.47 -9.66
CA LEU A 330 -23.73 0.04 -9.72
C LEU A 330 -22.56 -0.71 -9.09
N CYS A 331 -21.41 -0.05 -9.08
CA CYS A 331 -20.18 -0.61 -8.52
C CYS A 331 -19.10 0.48 -8.57
N SER A 332 -17.95 0.20 -7.96
CA SER A 332 -16.86 1.17 -7.97
C SER A 332 -16.27 1.18 -9.37
N LYS A 333 -15.51 2.24 -9.67
CA LYS A 333 -14.85 2.34 -10.95
C LYS A 333 -13.79 1.24 -10.99
N GLN A 334 -13.21 0.95 -9.83
CA GLN A 334 -12.18 -0.09 -9.72
C GLN A 334 -12.65 -1.47 -10.16
N LEU A 335 -13.92 -1.80 -9.88
CA LEU A 335 -14.41 -3.11 -10.26
C LEU A 335 -14.45 -3.31 -11.78
N THR A 336 -14.47 -2.21 -12.53
CA THR A 336 -14.50 -2.30 -13.98
C THR A 336 -13.15 -2.63 -14.60
N LEU A 337 -12.16 -2.87 -13.74
CA LEU A 337 -10.82 -3.22 -14.20
C LEU A 337 -10.39 -4.49 -13.51
N SER A 338 -10.32 -5.58 -14.27
CA SER A 338 -9.89 -6.86 -13.71
C SER A 338 -8.38 -6.87 -13.61
N CYS A 339 -7.83 -7.80 -12.83
CA CYS A 339 -6.39 -7.91 -12.66
C CYS A 339 -5.72 -7.98 -14.03
N PRO A 340 -4.59 -7.27 -14.19
CA PRO A 340 -3.87 -7.29 -15.47
C PRO A 340 -3.53 -8.71 -15.91
N LEU A 341 -3.30 -9.59 -14.94
CA LEU A 341 -2.94 -10.97 -15.23
C LEU A 341 -4.02 -11.96 -14.79
N CYS A 342 -5.25 -11.49 -14.76
CA CYS A 342 -6.40 -12.30 -14.38
C CYS A 342 -6.50 -13.45 -15.38
N VAL A 343 -6.66 -14.68 -14.88
CA VAL A 343 -6.79 -15.84 -15.74
C VAL A 343 -8.11 -16.55 -15.48
N ASN A 344 -8.95 -15.95 -14.63
CA ASN A 344 -10.24 -16.54 -14.29
C ASN A 344 -11.34 -15.91 -15.16
N PRO A 345 -11.93 -16.71 -16.07
CA PRO A 345 -12.99 -16.27 -16.97
C PRO A 345 -14.23 -15.64 -16.32
N VAL A 346 -14.57 -16.08 -15.11
CA VAL A 346 -15.76 -15.57 -14.43
C VAL A 346 -15.65 -14.11 -14.01
N CYS A 347 -14.45 -13.70 -13.63
CA CYS A 347 -14.20 -12.32 -13.19
C CYS A 347 -14.86 -11.29 -14.11
N ARG A 348 -14.62 -11.41 -15.41
CA ARG A 348 -15.18 -10.48 -16.39
C ARG A 348 -16.70 -10.59 -16.46
N GLU A 349 -17.21 -11.80 -16.31
CA GLU A 349 -18.65 -12.03 -16.36
C GLU A 349 -19.30 -11.38 -15.15
N THR A 350 -18.65 -11.53 -14.00
CA THR A 350 -19.14 -10.97 -12.76
C THR A 350 -19.19 -9.44 -12.84
N LYS A 351 -18.11 -8.82 -13.31
CA LYS A 351 -18.11 -7.36 -13.39
C LYS A 351 -19.22 -6.89 -14.32
N SER A 352 -19.40 -7.59 -15.43
CA SER A 352 -20.45 -7.24 -16.39
C SER A 352 -21.82 -7.39 -15.76
N PHE A 353 -21.99 -8.42 -14.93
CA PHE A 353 -23.26 -8.64 -14.26
C PHE A 353 -23.66 -7.36 -13.53
N PHE A 354 -22.69 -6.73 -12.87
CA PHE A 354 -22.99 -5.51 -12.13
C PHE A 354 -23.02 -4.24 -12.96
N THR A 355 -22.06 -4.07 -13.87
CA THR A 355 -22.04 -2.85 -14.69
C THR A 355 -23.22 -2.76 -15.65
N SER A 356 -23.81 -3.91 -15.97
CA SER A 356 -24.93 -3.97 -16.91
C SER A 356 -26.32 -3.92 -16.31
N GLN A 357 -26.41 -3.91 -14.98
CA GLN A 357 -27.70 -3.89 -14.29
C GLN A 357 -28.61 -2.75 -14.73
N GLN A 358 -29.90 -3.08 -14.88
CA GLN A 358 -30.89 -2.08 -15.28
C GLN A 358 -30.99 -1.02 -14.19
N LEU A 359 -31.04 0.25 -14.61
CA LEU A 359 -31.12 1.42 -13.74
C LEU A 359 -29.77 1.98 -13.35
N ARG B 1 24.65 38.33 1.31
CA ARG B 1 25.06 37.76 2.63
C ARG B 1 25.21 36.24 2.58
N LYS B 2 26.07 35.71 3.45
CA LYS B 2 26.34 34.28 3.49
C LYS B 2 25.08 33.47 3.80
N PRO B 3 24.99 32.24 3.25
CA PRO B 3 23.84 31.35 3.46
C PRO B 3 23.66 30.96 4.92
N LYS B 4 22.42 31.01 5.38
CA LYS B 4 22.12 30.66 6.77
C LYS B 4 21.58 29.23 6.87
N THR B 5 20.65 28.90 5.98
CA THR B 5 20.03 27.58 5.97
C THR B 5 20.34 26.80 4.69
N GLY B 6 20.87 25.59 4.86
CA GLY B 6 21.20 24.76 3.71
C GLY B 6 20.23 23.61 3.53
N ILE B 7 19.70 23.46 2.32
CA ILE B 7 18.78 22.37 2.04
C ILE B 7 19.46 21.35 1.15
N LEU B 8 19.81 20.20 1.75
CA LEU B 8 20.47 19.13 1.02
C LEU B 8 19.46 18.26 0.31
N MET B 9 19.44 18.35 -1.02
CA MET B 9 18.53 17.56 -1.83
C MET B 9 19.18 16.22 -2.13
N LEU B 10 18.66 15.17 -1.50
CA LEU B 10 19.19 13.82 -1.65
C LEU B 10 18.49 12.98 -2.69
N ASN B 11 19.28 12.31 -3.52
CA ASN B 11 18.76 11.45 -4.56
C ASN B 11 19.89 10.49 -4.94
N MET B 12 19.53 9.37 -5.54
N MET B 12 19.55 9.36 -5.54
CA MET B 12 20.54 8.40 -5.96
CA MET B 12 20.59 8.40 -5.91
C MET B 12 21.42 8.99 -7.03
C MET B 12 21.42 8.96 -7.06
N GLY B 13 20.79 9.73 -7.95
CA GLY B 13 21.51 10.33 -9.04
C GLY B 13 21.67 9.39 -10.23
N GLY B 14 22.23 9.90 -11.32
CA GLY B 14 22.44 9.11 -12.50
C GLY B 14 23.60 9.68 -13.29
N PRO B 15 24.28 8.86 -14.10
CA PRO B 15 25.42 9.37 -14.88
C PRO B 15 24.99 10.45 -15.87
N GLU B 16 25.66 11.60 -15.82
CA GLU B 16 25.33 12.69 -16.73
C GLU B 16 25.77 12.42 -18.16
N THR B 17 26.85 11.67 -18.32
CA THR B 17 27.35 11.34 -19.65
C THR B 17 27.68 9.86 -19.65
N LEU B 18 27.86 9.30 -20.83
CA LEU B 18 28.18 7.89 -20.95
C LEU B 18 29.48 7.54 -20.23
N GLY B 19 30.39 8.50 -20.15
CA GLY B 19 31.65 8.26 -19.48
C GLY B 19 31.53 8.13 -17.96
N ASP B 20 30.41 8.60 -17.41
CA ASP B 20 30.20 8.54 -15.96
C ASP B 20 29.56 7.23 -15.49
N VAL B 21 29.07 6.43 -16.43
CA VAL B 21 28.41 5.16 -16.10
C VAL B 21 29.21 4.22 -15.22
N HIS B 22 30.47 3.98 -15.59
CA HIS B 22 31.31 3.08 -14.81
C HIS B 22 31.44 3.42 -13.33
N ASP B 23 31.84 4.65 -13.01
CA ASP B 23 32.00 5.03 -11.61
C ASP B 23 30.65 5.04 -10.89
N PHE B 24 29.58 5.25 -11.66
CA PHE B 24 28.23 5.24 -11.11
C PHE B 24 27.96 3.83 -10.58
N LEU B 25 28.21 2.84 -11.43
CA LEU B 25 28.00 1.45 -11.07
C LEU B 25 28.93 0.99 -9.96
N LEU B 26 30.18 1.46 -10.00
CA LEU B 26 31.16 1.09 -8.99
C LEU B 26 30.72 1.53 -7.60
N ARG B 27 30.33 2.80 -7.47
CA ARG B 27 29.89 3.32 -6.18
C ARG B 27 28.65 2.57 -5.68
N LEU B 28 27.78 2.22 -6.60
CA LEU B 28 26.55 1.53 -6.26
C LEU B 28 26.80 0.11 -5.74
N PHE B 29 27.69 -0.62 -6.42
CA PHE B 29 27.99 -1.99 -6.02
C PHE B 29 28.85 -2.07 -4.76
N LEU B 30 29.26 -0.90 -4.26
CA LEU B 30 30.08 -0.83 -3.06
C LEU B 30 29.25 -0.38 -1.85
N ASP B 31 28.01 0.03 -2.09
CA ASP B 31 27.15 0.51 -1.01
C ASP B 31 26.57 -0.64 -0.19
N ARG B 32 26.98 -0.72 1.07
CA ARG B 32 26.51 -1.77 1.97
C ARG B 32 25.03 -1.61 2.29
N ASP B 33 24.59 -0.38 2.56
CA ASP B 33 23.19 -0.12 2.86
C ASP B 33 22.30 -0.55 1.70
N LEU B 34 22.92 -0.94 0.59
CA LEU B 34 22.19 -1.35 -0.60
C LEU B 34 22.36 -2.84 -0.88
N MET B 35 23.55 -3.37 -0.61
CA MET B 35 23.80 -4.78 -0.85
C MET B 35 25.03 -5.31 -0.11
N THR B 36 25.01 -6.61 0.14
CA THR B 36 26.10 -7.28 0.84
C THR B 36 26.62 -8.40 -0.05
N LEU B 37 27.82 -8.21 -0.60
CA LEU B 37 28.42 -9.20 -1.48
C LEU B 37 29.76 -9.68 -0.93
N PRO B 38 30.14 -10.93 -1.23
CA PRO B 38 31.41 -11.48 -0.76
C PRO B 38 32.55 -10.70 -1.39
N ILE B 39 33.63 -10.51 -0.66
CA ILE B 39 34.78 -9.75 -1.17
C ILE B 39 34.28 -8.63 -2.07
N GLN B 40 33.26 -7.93 -1.58
CA GLN B 40 32.63 -6.83 -2.31
C GLN B 40 33.65 -5.87 -2.93
N ASN B 41 34.63 -5.44 -2.15
CA ASN B 41 35.65 -4.53 -2.64
C ASN B 41 36.34 -5.10 -3.89
N LYS B 42 36.21 -6.40 -4.08
CA LYS B 42 36.81 -7.07 -5.23
C LYS B 42 35.80 -7.26 -6.35
N LEU B 43 34.58 -7.65 -5.99
CA LEU B 43 33.52 -7.89 -6.97
C LEU B 43 32.96 -6.62 -7.60
N ALA B 44 32.78 -5.57 -6.80
CA ALA B 44 32.23 -4.32 -7.29
C ALA B 44 32.94 -3.80 -8.56
N PRO B 45 34.27 -3.60 -8.50
CA PRO B 45 35.00 -3.10 -9.67
C PRO B 45 34.69 -3.93 -10.92
N PHE B 46 34.70 -5.25 -10.74
CA PHE B 46 34.45 -6.20 -11.81
C PHE B 46 33.03 -6.10 -12.38
N ILE B 47 32.04 -6.15 -11.49
CA ILE B 47 30.65 -6.08 -11.91
C ILE B 47 30.37 -4.77 -12.65
N ALA B 48 30.95 -3.69 -12.15
CA ALA B 48 30.79 -2.37 -12.76
C ALA B 48 31.32 -2.44 -14.19
N LYS B 49 32.52 -3.01 -14.32
CA LYS B 49 33.17 -3.16 -15.62
C LYS B 49 32.32 -4.00 -16.58
N ARG B 50 31.60 -4.97 -16.03
CA ARG B 50 30.75 -5.84 -16.85
C ARG B 50 29.48 -5.17 -17.34
N ARG B 51 28.77 -4.53 -16.42
CA ARG B 51 27.50 -3.87 -16.73
C ARG B 51 27.58 -2.52 -17.43
N THR B 52 28.74 -1.87 -17.37
CA THR B 52 28.90 -0.56 -18.00
C THR B 52 28.42 -0.47 -19.44
N PRO B 53 28.90 -1.36 -20.32
CA PRO B 53 28.49 -1.33 -21.73
C PRO B 53 26.98 -1.34 -21.94
N LYS B 54 26.29 -2.27 -21.30
CA LYS B 54 24.84 -2.37 -21.45
C LYS B 54 24.12 -1.15 -20.90
N ILE B 55 24.61 -0.61 -19.78
CA ILE B 55 23.99 0.55 -19.20
C ILE B 55 24.29 1.80 -20.01
N GLN B 56 25.49 1.88 -20.59
CA GLN B 56 25.84 3.02 -21.41
C GLN B 56 24.89 3.06 -22.60
N GLU B 57 24.62 1.88 -23.16
CA GLU B 57 23.71 1.75 -24.31
C GLU B 57 22.33 2.27 -23.97
N GLN B 58 21.85 1.97 -22.77
CA GLN B 58 20.54 2.44 -22.34
C GLN B 58 20.50 3.96 -22.31
N TYR B 59 21.55 4.56 -21.75
CA TYR B 59 21.59 6.01 -21.69
C TYR B 59 21.74 6.62 -23.08
N ARG B 60 22.47 5.94 -23.95
CA ARG B 60 22.64 6.44 -25.32
C ARG B 60 21.27 6.50 -25.97
N ARG B 61 20.45 5.47 -25.71
CA ARG B 61 19.11 5.40 -26.28
C ARG B 61 18.22 6.55 -25.84
N ILE B 62 18.57 7.22 -24.75
CA ILE B 62 17.74 8.35 -24.30
C ILE B 62 18.45 9.68 -24.46
N GLY B 63 19.50 9.72 -25.28
CA GLY B 63 20.19 10.98 -25.48
C GLY B 63 21.60 11.10 -24.97
N GLY B 64 22.11 10.09 -24.26
CA GLY B 64 23.48 10.14 -23.79
C GLY B 64 23.74 10.37 -22.32
N GLY B 65 22.69 10.40 -21.50
CA GLY B 65 22.88 10.61 -20.08
C GLY B 65 21.61 10.88 -19.31
N SER B 66 21.76 11.06 -18.00
CA SER B 66 20.63 11.34 -17.11
C SER B 66 20.36 12.83 -16.95
N PRO B 67 19.07 13.23 -16.95
CA PRO B 67 18.71 14.64 -16.79
C PRO B 67 18.40 14.97 -15.32
N ILE B 68 18.65 14.03 -14.42
CA ILE B 68 18.34 14.24 -13.02
C ILE B 68 18.96 15.50 -12.42
N LYS B 69 20.23 15.77 -12.70
CA LYS B 69 20.86 16.94 -12.14
C LYS B 69 20.23 18.23 -12.65
N ILE B 70 19.89 18.26 -13.93
CA ILE B 70 19.26 19.43 -14.52
C ILE B 70 17.94 19.74 -13.82
N TRP B 71 17.09 18.73 -13.68
CA TRP B 71 15.80 18.91 -13.03
C TRP B 71 15.95 19.22 -11.54
N THR B 72 16.84 18.50 -10.87
CA THR B 72 17.06 18.72 -9.44
C THR B 72 17.50 20.18 -9.22
N SER B 73 18.44 20.63 -10.06
CA SER B 73 18.95 21.99 -9.97
C SER B 73 17.85 23.03 -10.15
N LYS B 74 17.02 22.83 -11.17
CA LYS B 74 15.93 23.74 -11.45
C LYS B 74 14.94 23.78 -10.29
N GLN B 75 14.57 22.61 -9.78
CA GLN B 75 13.63 22.51 -8.67
C GLN B 75 14.25 23.17 -7.43
N GLY B 76 15.55 22.96 -7.24
CA GLY B 76 16.25 23.54 -6.10
C GLY B 76 16.26 25.05 -6.15
N GLU B 77 16.51 25.63 -7.32
CA GLU B 77 16.53 27.07 -7.50
C GLU B 77 15.16 27.67 -7.19
N GLY B 78 14.13 27.05 -7.75
CA GLY B 78 12.77 27.53 -7.52
C GLY B 78 12.40 27.46 -6.05
N MET B 79 12.82 26.37 -5.40
CA MET B 79 12.55 26.16 -3.98
C MET B 79 13.15 27.28 -3.12
N VAL B 80 14.43 27.55 -3.36
CA VAL B 80 15.15 28.60 -2.62
C VAL B 80 14.48 29.96 -2.79
N LYS B 81 14.17 30.34 -4.02
CA LYS B 81 13.52 31.63 -4.27
C LYS B 81 12.29 31.79 -3.40
N LEU B 82 11.48 30.74 -3.34
CA LEU B 82 10.26 30.79 -2.56
C LEU B 82 10.57 30.82 -1.06
N LEU B 83 11.52 30.01 -0.62
CA LEU B 83 11.87 29.95 0.80
C LEU B 83 12.36 31.29 1.35
N ASP B 84 13.14 32.03 0.57
CA ASP B 84 13.64 33.32 1.04
C ASP B 84 12.50 34.31 1.31
N GLU B 85 11.35 34.07 0.70
CA GLU B 85 10.20 34.95 0.91
C GLU B 85 9.24 34.35 1.95
N LEU B 86 9.25 33.03 2.07
CA LEU B 86 8.38 32.34 3.01
C LEU B 86 8.92 32.32 4.43
N SER B 87 10.24 32.17 4.55
CA SER B 87 10.87 32.11 5.86
C SER B 87 12.04 33.09 5.96
N PRO B 88 11.73 34.39 6.12
CA PRO B 88 12.75 35.44 6.22
C PRO B 88 13.71 35.18 7.37
N ASN B 89 13.16 34.62 8.46
CA ASN B 89 13.95 34.33 9.65
C ASN B 89 15.09 33.36 9.40
N THR B 90 14.89 32.41 8.49
CA THR B 90 15.95 31.46 8.20
C THR B 90 16.86 31.97 7.10
N ALA B 91 17.03 33.30 7.10
CA ALA B 91 17.89 34.07 6.20
C ALA B 91 18.08 33.48 4.80
N PRO B 92 19.16 33.84 4.09
CA PRO B 92 19.29 33.25 2.77
C PRO B 92 19.33 31.73 2.84
N HIS B 93 18.59 31.09 1.94
CA HIS B 93 18.58 29.65 1.89
C HIS B 93 19.44 29.25 0.69
N LYS B 94 20.10 28.11 0.80
CA LYS B 94 20.91 27.63 -0.29
C LYS B 94 20.64 26.15 -0.43
N TYR B 95 20.49 25.68 -1.66
CA TYR B 95 20.24 24.27 -1.87
C TYR B 95 21.54 23.61 -2.28
N TYR B 96 21.71 22.35 -1.89
CA TYR B 96 22.91 21.60 -2.24
C TYR B 96 22.42 20.26 -2.76
N ILE B 97 23.10 19.74 -3.77
CA ILE B 97 22.72 18.46 -4.32
C ILE B 97 23.62 17.38 -3.76
N GLY B 98 23.01 16.35 -3.19
CA GLY B 98 23.76 15.25 -2.62
C GLY B 98 23.36 13.95 -3.30
N PHE B 99 24.05 13.62 -4.39
CA PHE B 99 23.75 12.40 -5.10
C PHE B 99 24.49 11.28 -4.40
N ARG B 100 23.86 10.11 -4.34
CA ARG B 100 24.46 8.98 -3.66
C ARG B 100 25.60 8.31 -4.45
N TYR B 101 25.44 8.18 -5.76
CA TYR B 101 26.45 7.50 -6.58
C TYR B 101 27.16 8.28 -7.70
N VAL B 102 26.90 9.59 -7.80
CA VAL B 102 27.57 10.41 -8.80
C VAL B 102 27.83 11.79 -8.23
N HIS B 103 28.69 12.55 -8.89
CA HIS B 103 29.02 13.89 -8.43
C HIS B 103 27.86 14.85 -8.73
N PRO B 104 27.56 15.76 -7.80
CA PRO B 104 28.25 15.92 -6.52
C PRO B 104 27.72 14.87 -5.53
N LEU B 105 28.65 14.20 -4.85
CA LEU B 105 28.32 13.18 -3.89
C LEU B 105 27.77 13.76 -2.59
N THR B 106 27.04 12.95 -1.84
CA THR B 106 26.48 13.39 -0.57
C THR B 106 27.62 13.95 0.29
N GLU B 107 28.73 13.21 0.32
CA GLU B 107 29.90 13.62 1.10
C GLU B 107 30.47 14.96 0.66
N GLU B 108 30.55 15.18 -0.65
CA GLU B 108 31.09 16.43 -1.16
C GLU B 108 30.18 17.59 -0.78
N ALA B 109 28.87 17.36 -0.82
CA ALA B 109 27.90 18.39 -0.47
C ALA B 109 28.01 18.76 1.01
N ILE B 110 28.13 17.76 1.87
CA ILE B 110 28.25 18.01 3.31
C ILE B 110 29.48 18.87 3.55
N GLU B 111 30.55 18.52 2.86
CA GLU B 111 31.81 19.25 2.99
C GLU B 111 31.59 20.73 2.62
N GLU B 112 30.89 20.98 1.52
CA GLU B 112 30.64 22.35 1.10
C GLU B 112 29.70 23.07 2.07
N MET B 113 28.69 22.36 2.57
CA MET B 113 27.75 22.97 3.51
C MET B 113 28.49 23.43 4.77
N GLU B 114 29.34 22.56 5.32
CA GLU B 114 30.12 22.88 6.52
C GLU B 114 30.97 24.10 6.20
N ARG B 115 31.64 24.03 5.05
CA ARG B 115 32.51 25.07 4.54
C ARG B 115 31.83 26.43 4.47
N ASP B 116 30.55 26.43 4.09
CA ASP B 116 29.79 27.67 3.96
C ASP B 116 29.33 28.22 5.30
N GLY B 117 29.67 27.50 6.38
CA GLY B 117 29.30 27.95 7.71
C GLY B 117 27.82 28.17 7.91
N LEU B 118 27.01 27.19 7.51
CA LEU B 118 25.56 27.28 7.67
C LEU B 118 25.19 27.09 9.14
N GLU B 119 24.10 27.73 9.56
CA GLU B 119 23.64 27.57 10.93
C GLU B 119 22.80 26.32 11.00
N ARG B 120 22.17 25.98 9.88
CA ARG B 120 21.32 24.81 9.83
C ARG B 120 21.36 24.03 8.51
N ALA B 121 21.27 22.71 8.61
CA ALA B 121 21.30 21.82 7.45
C ALA B 121 20.10 20.89 7.46
N ILE B 122 19.36 20.84 6.35
CA ILE B 122 18.19 19.99 6.27
C ILE B 122 18.36 18.89 5.21
N ALA B 123 18.34 17.63 5.65
CA ALA B 123 18.47 16.50 4.74
C ALA B 123 17.07 16.28 4.14
N PHE B 124 16.88 16.80 2.93
CA PHE B 124 15.60 16.72 2.22
C PHE B 124 15.62 15.65 1.16
N THR B 125 15.17 14.44 1.48
CA THR B 125 15.16 13.37 0.50
C THR B 125 14.20 13.72 -0.64
N GLN B 126 14.62 13.46 -1.87
CA GLN B 126 13.77 13.76 -3.01
C GLN B 126 12.88 12.57 -3.37
N TYR B 127 12.92 11.54 -2.54
CA TYR B 127 12.04 10.38 -2.73
C TYR B 127 10.88 10.63 -1.78
N PRO B 128 9.66 10.81 -2.32
CA PRO B 128 8.49 11.07 -1.47
C PRO B 128 8.16 9.91 -0.52
N GLN B 129 8.43 8.68 -0.98
CA GLN B 129 8.14 7.49 -0.19
C GLN B 129 9.45 6.85 0.29
N TYR B 130 9.54 6.66 1.60
CA TYR B 130 10.72 6.11 2.24
C TYR B 130 11.00 4.64 2.00
N SER B 131 12.24 4.38 1.60
CA SER B 131 12.72 3.02 1.43
C SER B 131 14.10 3.05 2.09
N CYS B 132 14.46 1.98 2.78
CA CYS B 132 15.78 1.94 3.41
C CYS B 132 16.83 1.88 2.31
N SER B 133 16.40 1.49 1.12
CA SER B 133 17.29 1.38 -0.02
C SER B 133 17.53 2.70 -0.74
N THR B 134 16.71 3.70 -0.47
CA THR B 134 16.89 4.99 -1.11
C THR B 134 17.19 6.07 -0.08
N THR B 135 16.14 6.62 0.53
CA THR B 135 16.30 7.64 1.54
C THR B 135 17.16 7.14 2.69
N GLY B 136 16.91 5.92 3.15
CA GLY B 136 17.68 5.37 4.26
C GLY B 136 19.17 5.37 3.96
N SER B 137 19.51 4.94 2.74
CA SER B 137 20.90 4.89 2.31
C SER B 137 21.52 6.29 2.32
N SER B 138 20.75 7.27 1.86
CA SER B 138 21.23 8.65 1.83
C SER B 138 21.48 9.20 3.22
N LEU B 139 20.56 8.90 4.14
CA LEU B 139 20.72 9.38 5.51
C LEU B 139 21.89 8.69 6.18
N ASN B 140 22.07 7.39 5.91
CA ASN B 140 23.20 6.66 6.48
C ASN B 140 24.52 7.31 6.05
N ALA B 141 24.57 7.75 4.79
CA ALA B 141 25.78 8.39 4.26
C ALA B 141 26.13 9.66 5.03
N ILE B 142 25.11 10.39 5.50
CA ILE B 142 25.35 11.61 6.25
C ILE B 142 25.98 11.22 7.59
N TYR B 143 25.38 10.26 8.27
CA TYR B 143 25.90 9.79 9.55
C TYR B 143 27.31 9.23 9.38
N ARG B 144 27.49 8.34 8.41
CA ARG B 144 28.79 7.74 8.16
C ARG B 144 29.86 8.79 7.86
N TYR B 145 29.50 9.83 7.13
CA TYR B 145 30.45 10.88 6.79
C TYR B 145 31.11 11.42 8.04
N TYR B 146 30.30 11.93 8.96
CA TYR B 146 30.82 12.50 10.20
C TYR B 146 31.55 11.48 11.06
N ASN B 147 31.02 10.26 11.10
CA ASN B 147 31.65 9.23 11.89
C ASN B 147 33.01 8.87 11.29
N GLN B 148 33.11 8.96 9.97
CA GLN B 148 34.37 8.66 9.28
C GLN B 148 35.33 9.86 9.31
N VAL B 149 34.77 11.06 9.26
CA VAL B 149 35.60 12.27 9.28
C VAL B 149 36.06 12.55 10.69
N GLY B 150 35.63 11.70 11.63
CA GLY B 150 36.01 11.86 13.02
C GLY B 150 35.73 13.23 13.60
N ARG B 151 34.66 13.87 13.14
CA ARG B 151 34.29 15.20 13.63
C ARG B 151 32.77 15.31 13.75
N LYS B 152 32.32 16.13 14.69
N LYS B 152 32.31 16.12 14.69
CA LYS B 152 30.89 16.33 14.88
CA LYS B 152 30.88 16.30 14.86
C LYS B 152 30.45 17.48 13.98
C LYS B 152 30.45 17.46 13.96
N PRO B 153 29.17 17.48 13.57
CA PRO B 153 28.66 18.55 12.70
C PRO B 153 28.86 19.93 13.32
N THR B 154 29.11 20.92 12.48
CA THR B 154 29.30 22.30 12.93
C THR B 154 28.02 23.07 12.67
N MET B 155 27.00 22.36 12.23
CA MET B 155 25.69 22.95 11.94
C MET B 155 24.60 22.03 12.45
N LYS B 156 23.43 22.60 12.73
CA LYS B 156 22.29 21.82 13.23
C LYS B 156 21.69 21.00 12.10
N TRP B 157 21.48 19.71 12.33
CA TRP B 157 20.90 18.84 11.32
C TRP B 157 19.47 18.41 11.64
N SER B 158 18.71 18.11 10.59
CA SER B 158 17.34 17.63 10.70
C SER B 158 17.00 17.04 9.33
N THR B 159 15.96 16.24 9.26
CA THR B 159 15.61 15.65 7.97
C THR B 159 14.14 15.56 7.67
N ILE B 160 13.82 15.74 6.39
CA ILE B 160 12.47 15.59 5.88
C ILE B 160 12.71 14.26 5.19
N ASP B 161 12.50 13.16 5.92
CA ASP B 161 12.77 11.83 5.40
C ASP B 161 11.69 11.17 4.55
N ARG B 162 10.52 11.80 4.48
CA ARG B 162 9.43 11.27 3.65
C ARG B 162 8.29 12.29 3.55
N TRP B 163 7.53 12.21 2.47
CA TRP B 163 6.41 13.12 2.23
C TRP B 163 5.52 12.54 1.14
N PRO B 164 5.05 11.28 1.33
CA PRO B 164 4.21 10.56 0.39
C PRO B 164 2.83 11.15 0.08
N THR B 165 2.29 11.94 1.00
CA THR B 165 0.96 12.50 0.76
C THR B 165 0.89 14.03 0.76
N HIS B 166 2.03 14.71 0.66
CA HIS B 166 1.98 16.17 0.66
C HIS B 166 0.97 16.64 -0.38
N HIS B 167 0.01 17.44 0.06
CA HIS B 167 -1.06 17.92 -0.82
C HIS B 167 -0.65 18.53 -2.15
N LEU B 168 0.46 19.25 -2.20
CA LEU B 168 0.88 19.84 -3.46
C LEU B 168 1.54 18.80 -4.37
N LEU B 169 2.18 17.79 -3.77
CA LEU B 169 2.79 16.73 -4.57
C LEU B 169 1.63 16.00 -5.25
N ILE B 170 0.59 15.72 -4.47
CA ILE B 170 -0.58 15.03 -4.97
C ILE B 170 -1.24 15.86 -6.09
N GLN B 171 -1.29 17.18 -5.91
CA GLN B 171 -1.90 18.04 -6.93
C GLN B 171 -1.10 18.00 -8.24
N CYS B 172 0.23 17.96 -8.14
CA CYS B 172 1.06 17.91 -9.33
C CYS B 172 0.80 16.64 -10.13
N PHE B 173 0.80 15.50 -9.44
CA PHE B 173 0.53 14.23 -10.11
C PHE B 173 -0.84 14.28 -10.78
N ALA B 174 -1.86 14.68 -10.03
CA ALA B 174 -3.21 14.74 -10.58
C ALA B 174 -3.26 15.65 -11.81
N ASP B 175 -2.62 16.81 -11.72
CA ASP B 175 -2.60 17.76 -12.83
C ASP B 175 -1.96 17.13 -14.07
N HIS B 176 -0.82 16.47 -13.89
CA HIS B 176 -0.14 15.86 -15.03
C HIS B 176 -0.92 14.69 -15.59
N ILE B 177 -1.67 14.00 -14.74
CA ILE B 177 -2.47 12.86 -15.20
C ILE B 177 -3.64 13.40 -16.04
N LEU B 178 -4.31 14.42 -15.53
CA LEU B 178 -5.44 15.00 -16.24
C LEU B 178 -5.04 15.52 -17.62
N LYS B 179 -3.94 16.27 -17.69
CA LYS B 179 -3.54 16.79 -19.00
C LYS B 179 -3.11 15.66 -19.93
N GLU B 180 -2.62 14.56 -19.38
CA GLU B 180 -2.21 13.46 -20.24
C GLU B 180 -3.47 12.74 -20.74
N LEU B 181 -4.50 12.70 -19.90
CA LEU B 181 -5.76 12.07 -20.31
C LEU B 181 -6.35 12.85 -21.48
N ASP B 182 -6.14 14.16 -21.48
CA ASP B 182 -6.64 15.03 -22.56
C ASP B 182 -5.97 14.70 -23.89
N HIS B 183 -4.79 14.10 -23.84
CA HIS B 183 -4.07 13.75 -25.06
C HIS B 183 -4.53 12.45 -25.71
N PHE B 184 -5.38 11.70 -25.02
CA PHE B 184 -5.91 10.47 -25.59
C PHE B 184 -7.08 10.86 -26.48
N PRO B 185 -7.42 10.01 -27.46
CA PRO B 185 -8.56 10.36 -28.31
C PRO B 185 -9.76 10.48 -27.37
N LEU B 186 -10.57 11.51 -27.55
CA LEU B 186 -11.72 11.73 -26.69
C LEU B 186 -12.61 10.48 -26.50
N GLU B 187 -12.87 9.76 -27.59
CA GLU B 187 -13.73 8.57 -27.53
C GLU B 187 -13.18 7.45 -26.65
N LYS B 188 -11.93 7.55 -26.23
CA LYS B 188 -11.34 6.50 -25.41
C LYS B 188 -10.89 6.95 -24.02
N ARG B 189 -11.09 8.23 -23.72
CA ARG B 189 -10.65 8.78 -22.44
C ARG B 189 -11.16 8.01 -21.22
N SER B 190 -12.45 7.71 -21.18
CA SER B 190 -13.00 7.00 -20.04
C SER B 190 -12.63 5.52 -20.05
N GLU B 191 -12.16 5.04 -21.19
CA GLU B 191 -11.76 3.64 -21.32
C GLU B 191 -10.32 3.47 -20.83
N VAL B 192 -9.60 4.59 -20.73
CA VAL B 192 -8.20 4.58 -20.29
C VAL B 192 -8.00 3.92 -18.93
N VAL B 193 -6.98 3.06 -18.86
CA VAL B 193 -6.62 2.38 -17.63
C VAL B 193 -5.33 3.02 -17.12
N ILE B 194 -5.30 3.37 -15.84
CA ILE B 194 -4.12 3.99 -15.25
C ILE B 194 -3.23 3.00 -14.53
N LEU B 195 -1.96 2.96 -14.92
CA LEU B 195 -1.02 2.08 -14.26
C LEU B 195 0.00 2.95 -13.56
N PHE B 196 -0.10 3.01 -12.24
CA PHE B 196 0.88 3.75 -11.45
C PHE B 196 2.06 2.80 -11.41
N SER B 197 3.24 3.31 -11.72
CA SER B 197 4.43 2.46 -11.73
C SER B 197 5.51 3.04 -10.83
N ALA B 198 6.06 2.19 -9.99
CA ALA B 198 7.10 2.58 -9.06
C ALA B 198 8.20 1.55 -9.13
N HIS B 199 9.43 1.96 -8.86
CA HIS B 199 10.53 1.02 -8.89
C HIS B 199 10.22 -0.05 -7.86
N SER B 200 10.40 -1.31 -8.24
CA SER B 200 10.12 -2.43 -7.36
C SER B 200 11.22 -2.62 -6.29
N LEU B 201 11.00 -3.56 -5.40
CA LEU B 201 11.97 -3.90 -4.37
C LEU B 201 12.00 -5.42 -4.29
N PRO B 202 13.18 -5.98 -3.99
CA PRO B 202 13.27 -7.44 -3.88
C PRO B 202 12.39 -7.81 -2.70
N MET B 203 11.77 -8.98 -2.73
CA MET B 203 10.91 -9.38 -1.63
C MET B 203 11.68 -9.52 -0.33
N SER B 204 12.99 -9.77 -0.44
CA SER B 204 13.79 -9.90 0.77
C SER B 204 13.82 -8.58 1.52
N VAL B 205 13.68 -7.48 0.79
CA VAL B 205 13.67 -6.14 1.39
C VAL B 205 12.27 -5.82 1.91
N VAL B 206 11.27 -6.10 1.08
CA VAL B 206 9.88 -5.88 1.47
C VAL B 206 9.61 -6.68 2.75
N ASN B 207 10.00 -7.96 2.73
CA ASN B 207 9.77 -8.84 3.88
C ASN B 207 10.50 -8.52 5.17
N ARG B 208 11.48 -7.61 5.11
CA ARG B 208 12.19 -7.23 6.33
C ARG B 208 11.42 -6.11 7.03
N GLY B 209 10.51 -5.47 6.29
CA GLY B 209 9.72 -4.40 6.88
C GLY B 209 9.85 -3.04 6.21
N ASP B 210 10.40 -2.99 5.00
CA ASP B 210 10.59 -1.73 4.29
C ASP B 210 9.25 -0.97 4.17
N PRO B 211 9.25 0.31 4.56
CA PRO B 211 8.08 1.22 4.55
C PRO B 211 7.57 1.63 3.17
N TYR B 212 8.42 1.47 2.16
CA TYR B 212 8.13 1.87 0.79
C TYR B 212 6.81 1.49 0.13
N PRO B 213 6.53 0.18 -0.02
CA PRO B 213 5.27 -0.24 -0.66
C PRO B 213 4.03 0.44 -0.09
N GLN B 214 3.89 0.41 1.23
CA GLN B 214 2.74 1.02 1.89
C GLN B 214 2.66 2.52 1.61
N GLU B 215 3.79 3.22 1.63
CA GLU B 215 3.78 4.65 1.36
C GLU B 215 3.46 4.98 -0.09
N VAL B 216 4.02 4.21 -1.02
CA VAL B 216 3.73 4.44 -2.42
C VAL B 216 2.23 4.25 -2.62
N SER B 217 1.70 3.21 -1.98
CA SER B 217 0.27 2.91 -2.06
C SER B 217 -0.56 4.08 -1.56
N ALA B 218 -0.07 4.76 -0.53
CA ALA B 218 -0.76 5.91 0.04
C ALA B 218 -0.78 7.06 -0.97
N THR B 219 0.33 7.24 -1.68
CA THR B 219 0.42 8.30 -2.68
C THR B 219 -0.61 8.04 -3.77
N VAL B 220 -0.68 6.79 -4.22
CA VAL B 220 -1.63 6.39 -5.25
C VAL B 220 -3.07 6.72 -4.86
N GLN B 221 -3.48 6.31 -3.67
CA GLN B 221 -4.84 6.56 -3.19
C GLN B 221 -5.18 8.06 -3.15
N LYS B 222 -4.28 8.87 -2.62
CA LYS B 222 -4.50 10.32 -2.54
C LYS B 222 -4.71 10.91 -3.91
N VAL B 223 -3.87 10.50 -4.87
CA VAL B 223 -3.99 10.98 -6.24
C VAL B 223 -5.34 10.59 -6.83
N MET B 224 -5.71 9.31 -6.69
CA MET B 224 -6.98 8.84 -7.22
C MET B 224 -8.17 9.53 -6.57
N GLU B 225 -8.06 9.84 -5.27
CA GLU B 225 -9.16 10.52 -4.59
C GLU B 225 -9.29 11.91 -5.21
N ARG B 226 -8.16 12.57 -5.44
CA ARG B 226 -8.19 13.90 -6.01
C ARG B 226 -8.73 13.85 -7.44
N LEU B 227 -8.53 12.73 -8.12
CA LEU B 227 -9.02 12.57 -9.48
C LEU B 227 -10.45 12.06 -9.47
N GLU B 228 -10.99 11.87 -8.26
CA GLU B 228 -12.35 11.38 -8.07
C GLU B 228 -12.59 10.06 -8.78
N TYR B 229 -11.60 9.17 -8.71
CA TYR B 229 -11.70 7.86 -9.32
C TYR B 229 -12.28 7.92 -10.73
N CYS B 230 -11.84 8.91 -11.51
CA CYS B 230 -12.33 9.08 -12.88
C CYS B 230 -12.01 7.88 -13.79
N ASN B 231 -10.89 7.20 -13.51
CA ASN B 231 -10.51 6.03 -14.27
C ASN B 231 -10.03 4.93 -13.33
N PRO B 232 -10.14 3.67 -13.78
CA PRO B 232 -9.70 2.53 -12.95
C PRO B 232 -8.18 2.47 -12.96
N TYR B 233 -7.61 1.82 -11.96
CA TYR B 233 -6.15 1.76 -11.87
C TYR B 233 -5.63 0.54 -11.14
N ARG B 234 -4.32 0.41 -11.16
CA ARG B 234 -3.59 -0.63 -10.46
C ARG B 234 -2.21 -0.03 -10.19
N LEU B 235 -1.61 -0.42 -9.08
CA LEU B 235 -0.28 0.04 -8.75
C LEU B 235 0.63 -1.14 -9.11
N VAL B 236 1.57 -0.93 -10.03
CA VAL B 236 2.49 -1.98 -10.45
C VAL B 236 3.92 -1.53 -10.26
N TRP B 237 4.86 -2.47 -10.37
CA TRP B 237 6.25 -2.16 -10.11
C TRP B 237 7.22 -2.52 -11.24
N GLN B 238 8.16 -1.62 -11.49
CA GLN B 238 9.13 -1.80 -12.56
C GLN B 238 10.57 -1.91 -12.08
N SER B 239 11.47 -2.07 -13.05
CA SER B 239 12.91 -2.14 -12.80
C SER B 239 13.47 -3.37 -12.08
N LYS B 240 12.69 -4.44 -11.99
CA LYS B 240 13.17 -5.65 -11.36
C LYS B 240 14.37 -6.16 -12.16
N VAL B 241 15.41 -6.63 -11.48
CA VAL B 241 16.60 -7.18 -12.12
C VAL B 241 17.03 -8.41 -11.33
N GLY B 242 17.73 -9.32 -11.98
CA GLY B 242 18.19 -10.52 -11.30
C GLY B 242 17.18 -11.65 -11.31
N PRO B 243 17.54 -12.81 -10.78
CA PRO B 243 16.66 -13.98 -10.73
C PRO B 243 15.82 -14.10 -9.46
N MET B 244 16.05 -13.23 -8.48
CA MET B 244 15.31 -13.28 -7.22
C MET B 244 13.89 -12.73 -7.31
N PRO B 245 13.03 -13.06 -6.34
CA PRO B 245 11.64 -12.58 -6.32
C PRO B 245 11.57 -11.11 -5.92
N TRP B 246 10.81 -10.33 -6.70
CA TRP B 246 10.61 -8.92 -6.42
C TRP B 246 9.11 -8.66 -6.24
N LEU B 247 8.76 -7.53 -5.66
CA LEU B 247 7.35 -7.20 -5.47
C LEU B 247 6.70 -6.97 -6.83
N GLY B 248 5.61 -7.69 -7.08
CA GLY B 248 4.91 -7.52 -8.33
C GLY B 248 3.53 -6.94 -8.08
N PRO B 249 2.67 -6.82 -9.11
CA PRO B 249 2.95 -7.21 -10.49
C PRO B 249 3.98 -6.34 -11.18
N GLN B 250 4.65 -6.90 -12.18
CA GLN B 250 5.64 -6.15 -12.94
C GLN B 250 4.92 -5.28 -13.94
N THR B 251 5.42 -4.05 -14.10
CA THR B 251 4.83 -3.10 -15.01
C THR B 251 4.77 -3.65 -16.44
N ASP B 252 5.84 -4.29 -16.90
CA ASP B 252 5.84 -4.81 -18.26
C ASP B 252 4.79 -5.90 -18.46
N GLU B 253 4.75 -6.88 -17.55
CA GLU B 253 3.76 -7.95 -17.66
C GLU B 253 2.33 -7.39 -17.56
N SER B 254 2.15 -6.36 -16.75
CA SER B 254 0.83 -5.76 -16.58
C SER B 254 0.35 -5.07 -17.86
N ILE B 255 1.25 -4.36 -18.52
CA ILE B 255 0.93 -3.69 -19.78
C ILE B 255 0.51 -4.76 -20.78
N LYS B 256 1.32 -5.81 -20.89
CA LYS B 256 1.06 -6.92 -21.79
C LYS B 256 -0.22 -7.67 -21.40
N GLY B 257 -0.41 -7.88 -20.11
CA GLY B 257 -1.59 -8.57 -19.64
C GLY B 257 -2.86 -7.80 -19.97
N LEU B 258 -2.83 -6.49 -19.72
CA LEU B 258 -3.98 -5.64 -19.99
C LEU B 258 -4.32 -5.66 -21.48
N CYS B 259 -3.30 -5.50 -22.31
N CYS B 259 -3.30 -5.50 -22.31
CA CYS B 259 -3.50 -5.49 -23.75
CA CYS B 259 -3.51 -5.51 -23.75
C CYS B 259 -4.14 -6.78 -24.24
C CYS B 259 -4.15 -6.79 -24.23
N GLU B 260 -3.64 -7.92 -23.76
CA GLU B 260 -4.17 -9.22 -24.16
C GLU B 260 -5.61 -9.42 -23.68
N ARG B 261 -6.01 -8.65 -22.68
CA ARG B 261 -7.36 -8.76 -22.15
C ARG B 261 -8.28 -7.64 -22.65
N GLY B 262 -7.89 -7.00 -23.74
CA GLY B 262 -8.71 -5.95 -24.32
C GLY B 262 -8.57 -4.53 -23.82
N ARG B 263 -7.77 -4.30 -22.79
CA ARG B 263 -7.60 -2.94 -22.29
C ARG B 263 -6.38 -2.40 -23.01
N LYS B 264 -6.62 -1.80 -24.18
CA LYS B 264 -5.56 -1.27 -25.02
C LYS B 264 -5.30 0.22 -24.95
N ASN B 265 -5.89 0.89 -23.96
CA ASN B 265 -5.68 2.31 -23.77
C ASN B 265 -5.17 2.49 -22.35
N ILE B 266 -3.84 2.60 -22.24
CA ILE B 266 -3.16 2.69 -20.96
C ILE B 266 -2.39 3.99 -20.70
N LEU B 267 -2.48 4.47 -19.47
CA LEU B 267 -1.76 5.66 -19.06
C LEU B 267 -0.81 5.26 -17.94
N LEU B 268 0.49 5.38 -18.19
CA LEU B 268 1.49 5.03 -17.21
C LEU B 268 1.76 6.25 -16.34
N VAL B 269 1.85 6.03 -15.03
CA VAL B 269 2.12 7.14 -14.13
C VAL B 269 3.24 6.84 -13.15
N PRO B 270 4.45 7.36 -13.41
CA PRO B 270 5.58 7.14 -12.50
C PRO B 270 5.16 7.82 -11.22
N ILE B 271 5.00 7.05 -10.14
CA ILE B 271 4.50 7.62 -8.90
C ILE B 271 5.50 7.75 -7.77
N ALA B 272 6.71 7.25 -7.95
CA ALA B 272 7.70 7.29 -6.87
C ALA B 272 8.94 8.12 -7.15
N PHE B 273 8.89 8.97 -8.16
CA PHE B 273 10.05 9.81 -8.48
C PHE B 273 9.49 11.12 -9.04
N THR B 274 10.25 12.20 -8.91
CA THR B 274 9.77 13.51 -9.33
C THR B 274 10.34 14.13 -10.60
N SER B 275 11.14 13.39 -11.35
CA SER B 275 11.68 13.92 -12.58
C SER B 275 12.05 12.77 -13.50
N ASP B 276 12.32 13.08 -14.76
CA ASP B 276 12.69 12.03 -15.69
C ASP B 276 14.06 11.48 -15.35
N HIS B 277 14.23 10.21 -15.68
CA HIS B 277 15.48 9.50 -15.47
C HIS B 277 15.36 8.22 -16.28
N ILE B 278 16.34 7.33 -16.16
CA ILE B 278 16.32 6.09 -16.93
C ILE B 278 15.01 5.30 -16.83
N GLU B 279 14.38 5.32 -15.66
CA GLU B 279 13.11 4.61 -15.44
C GLU B 279 11.99 5.04 -16.38
N THR B 280 11.87 6.34 -16.63
CA THR B 280 10.82 6.86 -17.49
C THR B 280 11.21 6.96 -18.97
N LEU B 281 12.34 7.64 -19.23
CA LEU B 281 12.82 7.83 -20.60
C LEU B 281 13.24 6.56 -21.34
N TYR B 282 13.78 5.58 -20.62
CA TYR B 282 14.19 4.34 -21.27
C TYR B 282 13.24 3.18 -20.99
N GLU B 283 13.17 2.74 -19.74
CA GLU B 283 12.32 1.60 -19.40
C GLU B 283 10.87 1.74 -19.87
N LEU B 284 10.16 2.74 -19.37
CA LEU B 284 8.77 2.93 -19.74
C LEU B 284 8.56 3.40 -21.19
N ASP B 285 9.24 4.46 -21.59
CA ASP B 285 9.07 5.00 -22.92
C ASP B 285 9.61 4.15 -24.07
N ILE B 286 10.79 3.57 -23.89
CA ILE B 286 11.35 2.77 -24.97
C ILE B 286 10.99 1.28 -24.97
N GLU B 287 11.50 0.51 -24.01
CA GLU B 287 11.19 -0.91 -24.02
C GLU B 287 9.73 -1.30 -23.77
N TYR B 288 9.02 -0.56 -22.91
CA TYR B 288 7.62 -0.90 -22.65
C TYR B 288 6.62 -0.26 -23.62
N SER B 289 6.72 1.05 -23.80
CA SER B 289 5.78 1.77 -24.66
C SER B 289 6.03 1.65 -26.16
N GLN B 290 7.29 1.51 -26.57
CA GLN B 290 7.58 1.40 -28.00
C GLN B 290 7.69 -0.03 -28.49
N VAL B 291 8.44 -0.86 -27.78
CA VAL B 291 8.61 -2.25 -28.19
C VAL B 291 7.42 -3.08 -27.72
N LEU B 292 7.44 -3.44 -26.44
CA LEU B 292 6.38 -4.25 -25.84
C LEU B 292 4.97 -3.83 -26.27
N ALA B 293 4.69 -2.54 -26.14
CA ALA B 293 3.37 -2.00 -26.50
C ALA B 293 2.84 -2.51 -27.84
N LYS B 294 3.57 -2.25 -28.92
CA LYS B 294 3.13 -2.69 -30.24
C LYS B 294 3.23 -4.20 -30.41
N GLU B 295 4.03 -4.85 -29.58
CA GLU B 295 4.19 -6.30 -29.64
C GLU B 295 2.83 -6.97 -29.47
N CYS B 296 2.00 -6.36 -28.63
N CYS B 296 1.97 -6.38 -28.64
CA CYS B 296 0.67 -6.89 -28.33
CA CYS B 296 0.65 -6.96 -28.43
C CYS B 296 -0.44 -6.03 -28.94
C CYS B 296 -0.45 -6.10 -29.05
N GLY B 297 -0.04 -5.03 -29.71
CA GLY B 297 -1.01 -4.15 -30.35
C GLY B 297 -1.85 -3.25 -29.47
N VAL B 298 -1.21 -2.31 -28.78
CA VAL B 298 -1.95 -1.37 -27.94
C VAL B 298 -2.54 -0.35 -28.88
N GLU B 299 -3.61 0.31 -28.47
CA GLU B 299 -4.21 1.34 -29.32
C GLU B 299 -3.57 2.66 -28.93
N ASN B 300 -3.48 2.91 -27.61
CA ASN B 300 -2.88 4.13 -27.10
C ASN B 300 -2.25 3.93 -25.75
N ILE B 301 -0.94 4.17 -25.66
CA ILE B 301 -0.26 4.09 -24.38
C ILE B 301 0.55 5.36 -24.23
N ARG B 302 0.31 6.09 -23.15
CA ARG B 302 1.01 7.35 -22.90
C ARG B 302 1.54 7.35 -21.48
N ARG B 303 2.45 8.27 -21.20
CA ARG B 303 3.03 8.38 -19.86
C ARG B 303 2.86 9.81 -19.37
N ALA B 304 2.31 9.96 -18.16
CA ALA B 304 2.12 11.28 -17.59
C ALA B 304 3.49 11.94 -17.54
N GLU B 305 3.52 13.24 -17.76
CA GLU B 305 4.77 13.99 -17.73
C GLU B 305 5.35 13.96 -16.32
N SER B 306 6.65 13.77 -16.22
CA SER B 306 7.30 13.77 -14.90
C SER B 306 7.17 15.21 -14.37
N LEU B 307 7.22 15.37 -13.06
CA LEU B 307 7.04 16.68 -12.44
C LEU B 307 8.04 17.72 -12.92
N ASN B 308 9.27 17.28 -13.15
CA ASN B 308 10.34 18.13 -13.65
C ASN B 308 10.31 19.59 -13.24
N GLY B 309 10.07 20.48 -14.20
CA GLY B 309 10.07 21.90 -13.91
C GLY B 309 8.76 22.57 -13.55
N ASN B 310 7.73 21.78 -13.23
CA ASN B 310 6.44 22.33 -12.86
C ASN B 310 6.60 23.30 -11.68
N PRO B 311 6.16 24.56 -11.85
CA PRO B 311 6.28 25.57 -10.79
C PRO B 311 5.59 25.15 -9.50
N LEU B 312 4.48 24.44 -9.63
CA LEU B 312 3.75 23.97 -8.47
C LEU B 312 4.55 22.95 -7.66
N PHE B 313 5.42 22.20 -8.32
CA PHE B 313 6.24 21.23 -7.61
C PHE B 313 7.32 21.94 -6.79
N SER B 314 7.80 23.06 -7.32
CA SER B 314 8.80 23.86 -6.63
C SER B 314 8.17 24.42 -5.36
N LYS B 315 6.89 24.75 -5.46
CA LYS B 315 6.14 25.29 -4.33
C LYS B 315 5.98 24.20 -3.28
N ALA B 316 5.74 22.96 -3.73
CA ALA B 316 5.58 21.84 -2.83
C ALA B 316 6.87 21.65 -2.02
N LEU B 317 8.00 21.72 -2.72
CA LEU B 317 9.29 21.57 -2.06
C LEU B 317 9.49 22.65 -1.01
N ALA B 318 9.20 23.89 -1.39
CA ALA B 318 9.35 25.02 -0.48
C ALA B 318 8.43 24.92 0.73
N ASP B 319 7.18 24.52 0.50
N ASP B 319 7.19 24.50 0.49
CA ASP B 319 6.25 24.40 1.62
CA ASP B 319 6.21 24.36 1.56
C ASP B 319 6.63 23.28 2.58
C ASP B 319 6.63 23.30 2.56
N LEU B 320 7.23 22.22 2.05
CA LEU B 320 7.67 21.11 2.90
C LEU B 320 8.78 21.61 3.83
N VAL B 321 9.76 22.32 3.27
CA VAL B 321 10.86 22.85 4.06
C VAL B 321 10.34 23.88 5.07
N HIS B 322 9.43 24.74 4.62
CA HIS B 322 8.85 25.76 5.48
C HIS B 322 8.15 25.11 6.67
N SER B 323 7.25 24.16 6.39
CA SER B 323 6.53 23.46 7.46
C SER B 323 7.50 22.74 8.40
N HIS B 324 8.50 22.09 7.82
CA HIS B 324 9.52 21.36 8.57
C HIS B 324 10.20 22.31 9.56
N ILE B 325 10.61 23.47 9.06
CA ILE B 325 11.27 24.47 9.88
C ILE B 325 10.37 24.99 11.00
N GLN B 326 9.14 25.37 10.65
CA GLN B 326 8.21 25.90 11.64
C GLN B 326 7.81 24.89 12.70
N SER B 327 7.72 23.61 12.32
CA SER B 327 7.33 22.56 13.25
C SER B 327 8.47 22.21 14.21
N ASN B 328 9.69 22.54 13.79
CA ASN B 328 10.88 22.23 14.58
C ASN B 328 11.17 20.74 14.64
N GLU B 329 10.57 19.98 13.74
N GLU B 329 10.57 19.97 13.76
CA GLU B 329 10.78 18.53 13.69
CA GLU B 329 10.80 18.52 13.75
C GLU B 329 12.21 18.20 13.26
C GLU B 329 12.23 18.22 13.31
N LEU B 330 12.76 17.12 13.81
CA LEU B 330 14.11 16.69 13.48
C LEU B 330 14.02 15.58 12.43
N CYS B 331 12.88 14.91 12.41
CA CYS B 331 12.62 13.80 11.48
C CYS B 331 11.18 13.35 11.67
N SER B 332 10.70 12.49 10.77
CA SER B 332 9.34 11.98 10.89
C SER B 332 9.29 11.03 12.07
N LYS B 333 8.07 10.78 12.56
CA LYS B 333 7.90 9.85 13.66
C LYS B 333 8.31 8.47 13.12
N GLN B 334 7.97 8.22 11.86
CA GLN B 334 8.27 6.95 11.21
C GLN B 334 9.75 6.59 11.23
N LEU B 335 10.63 7.58 11.15
CA LEU B 335 12.06 7.30 11.13
C LEU B 335 12.53 6.77 12.48
N THR B 336 11.75 7.00 13.54
CA THR B 336 12.10 6.53 14.88
C THR B 336 11.83 5.04 15.03
N LEU B 337 11.32 4.41 13.98
CA LEU B 337 11.06 2.97 14.01
C LEU B 337 11.82 2.34 12.84
N SER B 338 12.80 1.50 13.18
CA SER B 338 13.57 0.81 12.15
C SER B 338 12.78 -0.43 11.75
N CYS B 339 13.18 -1.05 10.63
CA CYS B 339 12.49 -2.26 10.15
C CYS B 339 12.47 -3.32 11.24
N PRO B 340 11.34 -4.02 11.39
CA PRO B 340 11.22 -5.06 12.41
C PRO B 340 12.32 -6.12 12.24
N LEU B 341 12.74 -6.36 10.99
CA LEU B 341 13.76 -7.35 10.72
C LEU B 341 15.04 -6.72 10.18
N CYS B 342 15.29 -5.49 10.60
CA CYS B 342 16.48 -4.76 10.19
C CYS B 342 17.73 -5.48 10.71
N VAL B 343 18.71 -5.69 9.84
CA VAL B 343 19.95 -6.36 10.25
C VAL B 343 21.16 -5.47 9.95
N ASN B 344 20.90 -4.18 9.71
CA ASN B 344 21.96 -3.24 9.41
C ASN B 344 22.19 -2.33 10.62
N PRO B 345 23.32 -2.50 11.33
CA PRO B 345 23.71 -1.74 12.53
C PRO B 345 23.71 -0.22 12.39
N VAL B 346 23.96 0.28 11.19
CA VAL B 346 24.02 1.73 10.97
C VAL B 346 22.65 2.40 11.05
N CYS B 347 21.62 1.71 10.59
CA CYS B 347 20.26 2.22 10.61
C CYS B 347 19.92 2.91 11.94
N ARG B 348 20.14 2.20 13.04
CA ARG B 348 19.84 2.74 14.37
C ARG B 348 20.69 3.95 14.73
N GLU B 349 21.97 3.91 14.34
CA GLU B 349 22.87 5.02 14.64
C GLU B 349 22.47 6.24 13.83
N THR B 350 22.03 6.01 12.60
CA THR B 350 21.60 7.09 11.73
C THR B 350 20.36 7.76 12.29
N LYS B 351 19.38 6.96 12.72
CA LYS B 351 18.16 7.57 13.26
C LYS B 351 18.51 8.38 14.51
N SER B 352 19.39 7.83 15.36
CA SER B 352 19.81 8.52 16.57
C SER B 352 20.49 9.83 16.23
N PHE B 353 21.29 9.81 15.17
CA PHE B 353 22.00 10.99 14.70
C PHE B 353 20.99 12.13 14.56
N PHE B 354 19.83 11.82 14.00
CA PHE B 354 18.81 12.83 13.79
C PHE B 354 17.90 13.11 14.98
N THR B 355 17.49 12.08 15.70
CA THR B 355 16.61 12.31 16.85
C THR B 355 17.32 13.01 17.99
N SER B 356 18.65 12.85 18.06
CA SER B 356 19.46 13.45 19.12
C SER B 356 20.04 14.83 18.82
N GLN B 357 19.70 15.40 17.67
CA GLN B 357 20.22 16.71 17.30
C GLN B 357 19.83 17.82 18.26
N GLN B 358 20.78 18.70 18.54
CA GLN B 358 20.56 19.83 19.43
C GLN B 358 19.51 20.75 18.80
N LEU B 359 18.49 21.11 19.58
CA LEU B 359 17.38 21.99 19.17
C LEU B 359 16.06 21.27 18.90
CL CL C . -13.56 -17.05 12.22
CL CL D . -13.03 3.32 -7.82
CL CL E . -10.82 -5.32 -17.46
CL CL F . 13.53 0.81 16.22
FE1 FES G . -9.79 -11.93 -11.87
FE2 FES G . -8.57 -10.36 -10.06
S1 FES G . -10.08 -9.71 -11.56
S2 FES G . -8.27 -12.58 -10.38
C1 CHD H . -5.79 -23.06 6.36
C2 CHD H . -5.28 -22.20 7.56
C3 CHD H . -6.41 -22.06 8.61
O3 CHD H . -5.94 -21.24 9.72
C4 CHD H . -7.68 -21.40 7.99
C5 CHD H . -8.20 -22.25 6.78
C6 CHD H . -9.50 -21.65 6.11
C7 CHD H . -9.27 -20.34 5.33
O7 CHD H . -8.97 -19.19 6.21
C8 CHD H . -8.14 -20.54 4.24
C9 CHD H . -6.85 -21.11 4.91
C10 CHD H . -7.08 -22.50 5.70
C11 CHD H . -5.73 -21.26 3.79
C12 CHD H . -5.48 -19.92 3.06
O12 CHD H . -5.07 -18.90 4.05
C13 CHD H . -6.77 -19.34 2.35
C14 CHD H . -7.85 -19.20 3.44
C15 CHD H . -9.05 -18.55 2.66
C16 CHD H . -8.32 -17.59 1.66
C17 CHD H . -6.74 -17.95 1.68
C18 CHD H . -7.18 -20.45 1.30
C19 CHD H . -7.55 -23.69 4.79
C20 CHD H . -6.10 -17.78 0.25
C21 CHD H . -4.59 -18.14 0.27
C22 CHD H . -6.24 -16.31 -0.26
C23 CHD H . -5.59 -16.05 -1.69
O25 CHD H . -5.27 -17.90 -3.18
C24 CHD H . -6.16 -16.95 -2.73
O26 CHD H . -7.27 -16.94 -3.21
C1 CHD I . -2.06 -20.45 -1.83
C2 CHD I . -0.60 -20.77 -2.28
C3 CHD I . -0.58 -21.14 -3.79
O3 CHD I . 0.79 -21.45 -4.19
C4 CHD I . -1.49 -22.37 -4.07
C5 CHD I . -2.96 -22.06 -3.63
C6 CHD I . -3.96 -23.25 -3.90
C7 CHD I . -3.76 -24.46 -2.98
O7 CHD I . -2.49 -25.17 -3.24
C8 CHD I . -3.89 -24.03 -1.47
C9 CHD I . -2.86 -22.88 -1.18
C10 CHD I . -3.06 -21.59 -2.14
C11 CHD I . -2.96 -22.47 0.36
C12 CHD I . -2.75 -23.71 1.28
O12 CHD I . -1.42 -24.29 1.01
C13 CHD I . -3.78 -24.87 1.02
C14 CHD I . -3.68 -25.24 -0.47
C15 CHD I . -4.66 -26.43 -0.62
C16 CHD I . -4.44 -27.21 0.72
C17 CHD I . -3.64 -26.23 1.73
C18 CHD I . -5.20 -24.24 1.31
C19 CHD I . -4.46 -20.89 -1.97
C20 CHD I . -4.17 -26.42 3.19
C21 CHD I . -3.45 -25.49 4.22
C22 CHD I . -3.95 -27.91 3.66
C23 CHD I . -2.45 -28.37 3.83
O25 CHD I . -2.02 -30.72 3.75
C24 CHD I . -2.46 -29.68 4.53
O26 CHD I . -2.80 -29.92 5.67
C1 CHD J . -0.82 -35.42 -0.42
C2 CHD J . 0.44 -35.14 0.49
C3 CHD J . -0.04 -34.79 1.93
O3 CHD J . 1.14 -34.53 2.75
C4 CHD J . -0.96 -33.54 1.92
C5 CHD J . -2.22 -33.79 1.03
C6 CHD J . -3.22 -32.56 0.98
C7 CHD J . -2.67 -31.34 0.25
O7 CHD J . -1.58 -30.67 0.97
C8 CHD J . -2.26 -31.72 -1.24
C9 CHD J . -1.24 -32.93 -1.21
C10 CHD J . -1.83 -34.22 -0.43
C11 CHD J . -0.83 -33.28 -2.70
C12 CHD J . -0.23 -32.04 -3.41
O12 CHD J . 0.93 -31.57 -2.65
C13 CHD J . -1.23 -30.81 -3.49
C14 CHD J . -1.65 -30.49 -2.03
C15 CHD J . -2.57 -29.24 -2.20
C16 CHD J . -1.81 -28.44 -3.30
C17 CHD J . -0.76 -29.44 -4.02
C18 CHD J . -2.48 -31.34 -4.31
C19 CHD J . -3.10 -34.88 -1.10
C20 CHD J . -0.73 -29.13 -5.57
C21 CHD J . 0.23 -30.07 -6.35
C22 CHD J . -0.26 -27.68 -5.81
C23 CHD J . -1.02 -26.97 -6.99
O25 CHD J . -1.98 -24.85 -6.49
C24 CHD J . -0.84 -25.50 -6.88
O26 CHD J . 0.16 -24.86 -7.10
C1 GOL K . 1.99 -3.86 -2.25
O1 GOL K . 1.24 -2.94 -3.01
C2 GOL K . 1.73 -3.64 -0.76
O2 GOL K . 1.40 -2.27 -0.53
C3 GOL K . 2.96 -4.01 0.06
O3 GOL K . 2.79 -3.60 1.40
CL CL L . 18.87 8.21 -14.61
CL CL M . 5.57 9.78 10.78
FE1 FES N . 17.41 -0.89 8.69
FE2 FES N . 15.12 -0.61 7.33
S1 FES N . 15.67 0.40 9.23
S2 FES N . 16.87 -1.92 6.78
C1 CHD O . 18.49 -7.51 -4.43
C2 CHD O . 18.04 -8.99 -4.22
C3 CHD O . 18.67 -9.54 -2.92
O3 CHD O . 18.24 -10.93 -2.74
C4 CHD O . 20.23 -9.48 -3.00
C5 CHD O . 20.71 -8.02 -3.22
C6 CHD O . 22.27 -7.85 -3.31
C7 CHD O . 22.89 -8.39 -4.61
O7 CHD O . 22.82 -9.86 -4.70
C8 CHD O . 22.25 -7.69 -5.86
C9 CHD O . 20.70 -7.89 -5.81
C10 CHD O . 20.03 -7.33 -4.46
C11 CHD O . 20.05 -7.22 -7.11
C12 CHD O . 20.68 -7.80 -8.39
O12 CHD O . 20.47 -9.27 -8.41
C13 CHD O . 22.24 -7.59 -8.49
C14 CHD O . 22.85 -8.22 -7.22
C15 CHD O . 24.38 -8.04 -7.44
C16 CHD O . 24.52 -8.31 -8.97
C17 CHD O . 23.04 -8.24 -9.62
C18 CHD O . 22.45 -6.02 -8.47
C19 CHD O . 20.20 -5.76 -4.27
C20 CHD O . 23.15 -7.59 -11.05
C21 CHD O . 21.76 -7.44 -11.74
C22 CHD O . 24.03 -8.47 -11.95
C23 CHD O . 25.21 -7.71 -12.63
O25 CHD O . 26.81 -9.42 -13.08
C24 CHD O . 25.84 -8.61 -13.61
O26 CHD O . 25.60 -8.70 -14.80
C1 CHD P . 29.26 -14.95 -10.68
C2 CHD P . 28.14 -15.42 -11.66
C3 CHD P . 27.88 -14.30 -12.71
O3 CHD P . 26.83 -14.75 -13.62
C4 CHD P . 27.44 -12.98 -12.02
C5 CHD P . 28.55 -12.50 -11.04
C6 CHD P . 28.20 -11.15 -10.29
C7 CHD P . 27.07 -11.29 -9.25
O7 CHD P . 25.76 -11.56 -9.85
C8 CHD P . 27.46 -12.36 -8.17
C9 CHD P . 27.79 -13.72 -8.89
C10 CHD P . 28.95 -13.59 -9.99
C11 CHD P . 28.16 -14.81 -7.78
C12 CHD P . 27.03 -14.97 -6.74
O12 CHD P . 25.79 -15.37 -7.42
C13 CHD P . 26.69 -13.61 -5.98
C14 CHD P . 26.35 -12.56 -7.07
C15 CHD P . 25.95 -11.33 -6.24
C16 CHD P . 25.10 -11.98 -5.11
C17 CHD P . 25.49 -13.54 -5.02
C18 CHD P . 28.03 -13.20 -5.25
C19 CHD P . 30.37 -13.19 -9.39
C20 CHD P . 25.63 -13.94 -3.51
C21 CHD P . 26.04 -15.43 -3.30
C22 CHD P . 24.28 -13.73 -2.77
C23 CHD P . 24.43 -12.91 -1.45
O25 CHD P . 22.21 -12.15 -0.95
C24 CHD P . 23.19 -13.06 -0.66
O26 CHD P . 22.97 -13.90 0.21
C1 CHD Q . 20.97 -2.71 -12.70
C2 CHD Q . 19.76 -2.36 -13.63
C3 CHD Q . 20.01 -0.97 -14.30
O3 CHD Q . 18.87 -0.66 -15.16
C4 CHD Q . 20.20 0.14 -13.24
C5 CHD Q . 21.40 -0.19 -12.31
C6 CHD Q . 21.68 0.92 -11.21
C7 CHD Q . 20.62 0.98 -10.09
O7 CHD Q . 19.32 1.50 -10.55
C8 CHD Q . 20.47 -0.42 -9.39
C9 CHD Q . 20.15 -1.52 -10.48
C10 CHD Q . 21.28 -1.61 -11.64
C11 CHD Q . 19.97 -2.92 -9.73
C12 CHD Q . 18.88 -2.83 -8.65
O12 CHD Q . 17.59 -2.41 -9.28
C13 CHD Q . 19.17 -1.76 -7.52
C14 CHD Q . 19.37 -0.40 -8.25
C15 CHD Q . 19.59 0.60 -7.08
C16 CHD Q . 18.60 0.06 -5.99
C17 CHD Q . 18.14 -1.43 -6.44
C18 CHD Q . 20.54 -2.23 -6.87
C19 CHD Q . 22.71 -2.03 -11.12
C20 CHD Q . 17.99 -2.37 -5.18
C21 CHD Q . 17.56 -3.81 -5.61
C22 CHD Q . 16.91 -1.81 -4.19
C23 CHD Q . 16.59 -2.71 -2.91
O25 CHD Q . 18.52 -2.20 -1.58
C24 CHD Q . 17.81 -3.18 -2.21
O26 CHD Q . 18.24 -4.32 -2.16
#